data_4QVH
#
_entry.id   4QVH
#
_cell.length_a   77.699
_cell.length_b   126.029
_cell.length_c   143.960
_cell.angle_alpha   90.00
_cell.angle_beta   90.00
_cell.angle_gamma   90.00
#
_symmetry.space_group_name_H-M   'P 21 21 21'
#
loop_
_entity.id
_entity.type
_entity.pdbx_description
1 polymer "Maltose-binding periplasmic protein, 4'-phosphopantetheinyl transferase chimera"
2 branched alpha-D-glucopyranose-(1-4)-alpha-D-glucopyranose
3 non-polymer 'COENZYME A'
4 non-polymer 'MAGNESIUM ION'
5 non-polymer GLYCEROL
6 non-polymer 'CITRATE ANION'
7 water water
#
_entity_poly.entity_id   1
_entity_poly.type   'polypeptide(L)'
_entity_poly.pdbx_seq_one_letter_code
;MKIEEGKLVIWINGDKGYNGLAEVGKKFEKDTGIKVTVEHPDKLEEKFPQVAATGDGPDIIFWAHDRFGGYAQSGLLAEI
TPDKAFQDKLYPFTWDAVRYNGKLIAYPIAVEALSLIYNKDLLPNPPKTWEEIPALDKELKAKGKSALMFNLQEPYFTWP
LIAADGGYAFKYAAGKYDIKDVGVDNAGAKAGLTFLVDLIKNKHMNADTDYSIAEAAFNKGETAMTINGPWAWSNIDTSK
VNYGVTVLPTFKGQPSKPFVGVLSAGINAASPNKELAKEFLENYLLTDEGLEAVNKDKPLGAVALKSYEEELAKDPRIAA
TMENAQKGEIMPNIPQMSAFWYAVRTAVINAASGRQTVDAALAAAQTNAAAMTVGTLVASVLPATVFEDLAYAELYSDPP
GLTPLPEEAPLIARSVAKRRNEFITVRHCARIALDQLGVPPAPILKGDKGEPCWPDGMVGSLTHCAGYRGAVVGRRDAVR
SVGIDAEPHDVLPNGVLDAISLPAERADMPRTMPAALHWDRILFCAKEATYKAWFPLTKRWLGFEDAHITFETDSTGWTG
RFVSRILIDGSTLSGPPLTTLRGRWSVERGLVLTAIVL
;
_entity_poly.pdbx_strand_id   A,B
#
loop_
_chem_comp.id
_chem_comp.type
_chem_comp.name
_chem_comp.formula
COA non-polymer 'COENZYME A' 'C21 H36 N7 O16 P3 S'
FLC non-polymer 'CITRATE ANION' 'C6 H5 O7 -3'
GLC D-saccharide, alpha linking alpha-D-glucopyranose 'C6 H12 O6'
GOL non-polymer GLYCEROL 'C3 H8 O3'
MG non-polymer 'MAGNESIUM ION' 'Mg 2'
#
# COMPACT_ATOMS: atom_id res chain seq x y z
N LYS A 2 -15.04 1.65 9.39
CA LYS A 2 -15.13 3.06 9.90
C LYS A 2 -14.23 3.11 11.12
N ILE A 3 -12.97 3.50 10.95
CA ILE A 3 -12.11 3.86 12.09
C ILE A 3 -12.26 5.35 12.22
N GLU A 4 -12.59 5.83 13.41
CA GLU A 4 -12.87 7.27 13.59
C GLU A 4 -11.61 8.13 13.45
N GLU A 5 -11.66 9.13 12.56
CA GLU A 5 -10.61 10.15 12.47
C GLU A 5 -10.49 11.06 13.71
N GLY A 6 -9.28 11.45 14.09
CA GLY A 6 -9.06 12.38 15.22
C GLY A 6 -9.11 11.74 16.62
N LYS A 7 -8.91 10.44 16.70
CA LYS A 7 -8.93 9.70 17.96
C LYS A 7 -8.00 8.49 17.73
N LEU A 8 -7.43 7.88 18.79
CA LEU A 8 -6.70 6.63 18.68
C LEU A 8 -7.39 5.52 19.48
N VAL A 9 -7.52 4.36 18.83
CA VAL A 9 -7.91 3.10 19.46
C VAL A 9 -6.77 2.12 19.41
N ILE A 10 -6.44 1.55 20.58
CA ILE A 10 -5.25 0.70 20.75
C ILE A 10 -5.72 -0.62 21.32
N TRP A 11 -5.27 -1.74 20.72
CA TRP A 11 -5.45 -3.05 21.27
C TRP A 11 -4.18 -3.61 21.82
N ILE A 12 -4.29 -4.18 23.00
CA ILE A 12 -3.15 -4.81 23.68
C ILE A 12 -3.70 -5.95 24.53
N ASN A 13 -2.89 -6.95 24.73
CA ASN A 13 -3.32 -8.13 25.43
C ASN A 13 -3.63 -7.91 26.87
N GLY A 14 -4.62 -8.64 27.36
CA GLY A 14 -5.12 -8.46 28.69
C GLY A 14 -4.19 -8.81 29.85
N ASP A 15 -3.10 -9.49 29.57
CA ASP A 15 -2.09 -9.77 30.59
C ASP A 15 -1.03 -8.69 30.69
N LYS A 16 -1.07 -7.67 29.81
CA LYS A 16 -0.10 -6.60 29.85
C LYS A 16 -0.65 -5.38 30.59
N GLY A 17 0.17 -4.35 30.69
CA GLY A 17 -0.13 -3.17 31.49
C GLY A 17 -1.02 -2.17 30.77
N TYR A 18 -2.21 -2.57 30.45
CA TYR A 18 -3.12 -1.74 29.67
C TYR A 18 -3.62 -0.48 30.38
N ASN A 19 -3.74 -0.54 31.68
CA ASN A 19 -4.05 0.63 32.46
C ASN A 19 -2.95 1.62 32.50
N GLY A 20 -1.71 1.15 32.59
CA GLY A 20 -0.55 2.00 32.39
C GLY A 20 -0.49 2.66 31.05
N LEU A 21 -0.87 1.90 30.01
CA LEU A 21 -0.87 2.44 28.67
C LEU A 21 -1.94 3.52 28.49
N ALA A 22 -3.07 3.32 29.15
CA ALA A 22 -4.18 4.29 29.15
C ALA A 22 -3.72 5.57 29.87
N GLU A 23 -2.81 5.48 30.85
CA GLU A 23 -2.26 6.68 31.46
C GLU A 23 -1.39 7.44 30.46
N VAL A 24 -0.63 6.74 29.65
CA VAL A 24 0.12 7.42 28.59
C VAL A 24 -0.85 8.05 27.62
N GLY A 25 -1.91 7.36 27.33
CA GLY A 25 -3.03 7.85 26.52
C GLY A 25 -3.62 9.20 27.01
N LYS A 26 -3.75 9.32 28.31
CA LYS A 26 -4.33 10.51 28.96
C LYS A 26 -3.41 11.69 28.85
N LYS A 27 -2.12 11.44 29.02
CA LYS A 27 -1.10 12.43 28.80
C LYS A 27 -1.17 12.91 27.36
N PHE A 28 -1.27 12.01 26.41
CA PHE A 28 -1.39 12.41 25.02
C PHE A 28 -2.63 13.31 24.77
N GLU A 29 -3.77 12.93 25.34
CA GLU A 29 -5.00 13.69 25.17
C GLU A 29 -4.80 15.07 25.77
N LYS A 30 -4.21 15.13 26.94
CA LYS A 30 -4.07 16.41 27.59
C LYS A 30 -3.13 17.30 26.76
N ASP A 31 -2.15 16.77 26.06
CA ASP A 31 -1.27 17.63 25.28
C ASP A 31 -1.84 18.00 23.94
N THR A 32 -2.63 17.14 23.35
CA THR A 32 -2.96 17.29 21.97
C THR A 32 -4.43 17.37 21.72
N GLY A 33 -5.26 17.06 22.69
CA GLY A 33 -6.66 17.00 22.47
C GLY A 33 -7.18 15.71 21.88
N ILE A 34 -6.30 14.77 21.54
CA ILE A 34 -6.72 13.49 20.93
C ILE A 34 -6.96 12.40 21.99
N LYS A 35 -8.18 11.92 22.05
CA LYS A 35 -8.60 10.89 22.96
C LYS A 35 -7.98 9.55 22.53
N VAL A 36 -7.45 8.82 23.51
CA VAL A 36 -6.88 7.52 23.28
C VAL A 36 -7.71 6.50 24.05
N THR A 37 -8.21 5.49 23.34
CA THR A 37 -8.99 4.43 23.99
C THR A 37 -8.20 3.11 23.94
N VAL A 38 -7.87 2.53 25.06
CA VAL A 38 -7.17 1.25 25.10
C VAL A 38 -8.11 0.11 25.36
N GLU A 39 -8.10 -0.94 24.52
CA GLU A 39 -8.93 -2.09 24.73
C GLU A 39 -8.06 -3.35 24.74
N HIS A 40 -8.60 -4.42 25.33
CA HIS A 40 -7.89 -5.70 25.44
C HIS A 40 -8.78 -6.89 25.10
N PRO A 41 -9.21 -6.97 23.84
CA PRO A 41 -10.09 -8.07 23.50
C PRO A 41 -9.42 -9.41 23.61
N ASP A 42 -10.19 -10.47 23.96
CA ASP A 42 -9.67 -11.88 23.89
C ASP A 42 -9.23 -12.25 22.47
N LYS A 43 -8.16 -13.00 22.36
CA LYS A 43 -7.69 -13.52 21.06
C LYS A 43 -7.43 -12.41 20.03
N LEU A 44 -6.90 -11.28 20.49
CA LEU A 44 -6.81 -10.11 19.64
C LEU A 44 -5.85 -10.36 18.49
N GLU A 45 -4.91 -11.26 18.69
CA GLU A 45 -3.95 -11.65 17.66
C GLU A 45 -4.62 -12.36 16.48
N GLU A 46 -5.76 -12.99 16.75
CA GLU A 46 -6.60 -13.62 15.70
C GLU A 46 -7.69 -12.64 15.26
N LYS A 47 -8.18 -11.81 16.15
CA LYS A 47 -9.24 -10.87 15.73
C LYS A 47 -8.79 -9.74 14.87
N PHE A 48 -7.52 -9.32 15.03
CA PHE A 48 -7.04 -8.17 14.27
C PHE A 48 -7.22 -8.33 12.76
N PRO A 49 -6.74 -9.42 12.15
CA PRO A 49 -6.95 -9.55 10.68
C PRO A 49 -8.43 -9.64 10.32
N GLN A 50 -9.21 -10.24 11.18
CA GLN A 50 -10.61 -10.45 10.89
C GLN A 50 -11.33 -9.10 10.74
N VAL A 51 -11.03 -8.14 11.60
CA VAL A 51 -11.69 -6.85 11.51
C VAL A 51 -10.92 -5.89 10.59
N ALA A 52 -9.59 -5.93 10.59
CA ALA A 52 -8.81 -5.04 9.76
C ALA A 52 -9.05 -5.33 8.28
N ALA A 53 -9.45 -6.55 7.98
CA ALA A 53 -9.79 -6.88 6.61
C ALA A 53 -10.98 -6.06 6.09
N THR A 54 -11.95 -5.76 6.92
CA THR A 54 -13.11 -4.94 6.53
C THR A 54 -12.74 -3.42 6.57
N GLY A 55 -11.47 -3.06 6.76
CA GLY A 55 -11.10 -1.69 7.09
C GLY A 55 -11.48 -1.16 8.45
N ASP A 56 -11.75 -2.04 9.40
CA ASP A 56 -12.08 -1.66 10.75
C ASP A 56 -10.89 -2.03 11.73
N GLY A 57 -11.16 -1.92 13.01
CA GLY A 57 -10.22 -2.31 14.07
C GLY A 57 -9.50 -1.14 14.71
N PRO A 58 -8.46 -1.44 15.46
CA PRO A 58 -7.76 -0.42 16.18
C PRO A 58 -6.84 0.33 15.27
N ASP A 59 -6.48 1.54 15.64
CA ASP A 59 -5.42 2.26 14.95
C ASP A 59 -4.07 1.59 15.22
N ILE A 60 -3.88 1.11 16.45
CA ILE A 60 -2.60 0.53 16.84
C ILE A 60 -2.85 -0.86 17.49
N ILE A 61 -2.04 -1.85 17.12
CA ILE A 61 -2.12 -3.20 17.63
C ILE A 61 -0.81 -3.58 18.24
N PHE A 62 -0.87 -4.03 19.48
CA PHE A 62 0.31 -4.49 20.21
C PHE A 62 0.23 -5.99 20.27
N TRP A 63 1.33 -6.63 19.86
CA TRP A 63 1.51 -8.07 20.05
C TRP A 63 2.98 -8.39 19.93
N ALA A 64 3.43 -9.55 20.39
CA ALA A 64 4.75 -10.05 20.00
C ALA A 64 4.95 -10.04 18.45
N HIS A 65 6.17 -9.80 18.03
CA HIS A 65 6.50 -9.55 16.63
C HIS A 65 6.23 -10.73 15.73
N ASP A 66 6.09 -11.93 16.27
CA ASP A 66 5.94 -13.10 15.43
C ASP A 66 4.69 -13.08 14.53
N ARG A 67 3.62 -12.46 15.00
CA ARG A 67 2.37 -12.39 14.22
C ARG A 67 2.38 -11.36 13.04
N PHE A 68 3.35 -10.48 13.04
CA PHE A 68 3.30 -9.29 12.17
C PHE A 68 3.54 -9.58 10.70
N GLY A 69 4.31 -10.59 10.39
CA GLY A 69 4.53 -10.92 9.00
C GLY A 69 3.27 -11.35 8.28
N GLY A 70 2.47 -12.14 8.96
CA GLY A 70 1.14 -12.51 8.49
C GLY A 70 0.26 -11.30 8.25
N TYR A 71 0.28 -10.33 9.17
CA TYR A 71 -0.52 -9.13 8.98
C TYR A 71 0.00 -8.38 7.77
N ALA A 72 1.30 -8.30 7.61
CA ALA A 72 1.88 -7.57 6.49
C ALA A 72 1.57 -8.21 5.15
N GLN A 73 1.64 -9.52 5.10
CA GLN A 73 1.32 -10.22 3.88
C GLN A 73 -0.12 -9.99 3.40
N SER A 74 -1.04 -9.78 4.32
CA SER A 74 -2.38 -9.46 3.96
C SER A 74 -2.64 -7.95 3.78
N GLY A 75 -1.62 -7.14 3.80
CA GLY A 75 -1.71 -5.71 3.55
C GLY A 75 -2.30 -4.90 4.66
N LEU A 76 -2.21 -5.39 5.90
CA LEU A 76 -2.93 -4.76 7.02
C LEU A 76 -2.16 -3.75 7.85
N LEU A 77 -0.90 -3.53 7.55
CA LEU A 77 -0.04 -2.69 8.33
C LEU A 77 0.53 -1.54 7.55
N ALA A 78 0.70 -0.41 8.22
CA ALA A 78 1.44 0.69 7.61
C ALA A 78 2.93 0.53 7.67
N GLU A 79 3.64 1.13 6.72
CA GLU A 79 5.09 1.10 6.72
C GLU A 79 5.55 2.14 7.75
N ILE A 80 6.54 1.78 8.54
CA ILE A 80 7.07 2.56 9.64
C ILE A 80 8.41 3.06 9.17
N THR A 81 8.65 4.36 9.32
CA THR A 81 9.92 4.91 8.94
C THR A 81 10.46 5.90 9.95
N PRO A 82 10.86 5.43 11.12
CA PRO A 82 11.53 6.29 12.08
C PRO A 82 12.79 6.89 11.58
N ASP A 83 13.09 8.11 12.05
CA ASP A 83 14.33 8.75 11.60
C ASP A 83 15.59 8.26 12.24
N LYS A 84 16.75 8.77 11.81
CA LYS A 84 18.00 8.21 12.27
C LYS A 84 18.18 8.26 13.78
N ALA A 85 17.87 9.43 14.36
CA ALA A 85 18.08 9.61 15.80
C ALA A 85 17.11 8.67 16.58
N PHE A 86 15.88 8.51 16.08
CA PHE A 86 14.91 7.65 16.79
C PHE A 86 15.38 6.17 16.73
N GLN A 87 15.87 5.71 15.57
CA GLN A 87 16.33 4.33 15.51
C GLN A 87 17.47 4.07 16.44
N ASP A 88 18.39 5.04 16.57
CA ASP A 88 19.51 4.88 17.44
C ASP A 88 19.13 4.81 18.95
N LYS A 89 17.91 5.21 19.31
CA LYS A 89 17.48 5.10 20.71
C LYS A 89 17.13 3.70 21.15
N LEU A 90 16.96 2.78 20.20
CA LEU A 90 16.51 1.39 20.46
C LEU A 90 17.56 0.40 20.04
N TYR A 91 17.62 -0.72 20.72
CA TYR A 91 18.59 -1.76 20.37
C TYR A 91 18.39 -2.28 18.91
N PRO A 92 19.49 -2.42 18.15
CA PRO A 92 19.42 -2.90 16.76
C PRO A 92 18.72 -4.23 16.58
N PHE A 93 18.96 -5.20 17.44
CA PHE A 93 18.28 -6.51 17.26
C PHE A 93 16.77 -6.36 17.41
N THR A 94 16.30 -5.32 18.09
CA THR A 94 14.85 -5.12 18.21
C THR A 94 14.23 -4.62 16.90
N TRP A 95 14.94 -3.75 16.17
CA TRP A 95 14.50 -3.31 14.82
C TRP A 95 14.49 -4.52 13.88
N ASP A 96 15.44 -5.41 14.04
CA ASP A 96 15.47 -6.62 13.15
C ASP A 96 14.25 -7.48 13.34
N ALA A 97 13.81 -7.63 14.59
CA ALA A 97 12.57 -8.32 14.88
C ALA A 97 11.32 -7.85 14.15
N VAL A 98 11.23 -6.53 13.89
CA VAL A 98 10.09 -5.96 13.28
C VAL A 98 10.30 -5.60 11.82
N ARG A 99 11.33 -6.14 11.22
CA ARG A 99 11.62 -5.94 9.82
C ARG A 99 11.16 -7.19 9.06
N TYR A 100 10.39 -6.96 8.03
CA TYR A 100 9.84 -8.04 7.24
C TYR A 100 9.80 -7.63 5.75
N ASN A 101 10.41 -8.49 4.89
CA ASN A 101 10.51 -8.20 3.47
C ASN A 101 11.05 -6.81 3.21
N GLY A 102 12.05 -6.41 3.96
CA GLY A 102 12.68 -5.13 3.65
C GLY A 102 12.03 -3.87 4.20
N LYS A 103 10.96 -4.00 4.99
CA LYS A 103 10.25 -2.87 5.60
C LYS A 103 10.10 -3.09 7.08
N LEU A 104 10.09 -2.00 7.84
CA LEU A 104 9.67 -2.08 9.21
C LEU A 104 8.16 -2.09 9.25
N ILE A 105 7.64 -3.03 10.01
CA ILE A 105 6.20 -3.14 10.17
C ILE A 105 5.59 -2.92 11.56
N ALA A 106 6.40 -2.50 12.52
CA ALA A 106 5.92 -2.12 13.83
C ALA A 106 7.07 -1.44 14.54
N TYR A 107 6.77 -0.78 15.64
CA TYR A 107 7.77 -0.28 16.57
C TYR A 107 8.01 -1.29 17.66
N PRO A 108 9.25 -1.65 17.90
CA PRO A 108 9.57 -2.59 19.00
C PRO A 108 9.42 -1.91 20.33
N ILE A 109 8.93 -2.65 21.34
CA ILE A 109 8.67 -2.06 22.67
C ILE A 109 9.48 -2.78 23.75
N ALA A 110 9.40 -4.11 23.80
CA ALA A 110 10.07 -4.82 24.85
C ALA A 110 10.37 -6.25 24.53
N VAL A 111 11.38 -6.78 25.18
CA VAL A 111 11.81 -8.14 24.97
C VAL A 111 11.30 -9.04 26.06
N GLU A 112 10.55 -10.09 25.67
CA GLU A 112 9.90 -11.03 26.57
C GLU A 112 10.50 -12.42 26.42
N ALA A 113 10.84 -13.07 27.55
CA ALA A 113 11.17 -14.44 27.56
C ALA A 113 10.66 -15.06 28.87
N LEU A 114 10.28 -16.31 28.78
CA LEU A 114 9.85 -17.10 29.95
C LEU A 114 11.00 -17.40 30.91
N SER A 115 10.68 -17.42 32.22
CA SER A 115 11.63 -17.89 33.21
C SER A 115 10.93 -18.86 34.13
N LEU A 116 11.70 -19.58 34.91
CA LEU A 116 11.17 -20.36 36.03
C LEU A 116 10.97 -19.44 37.21
N ILE A 117 9.77 -19.49 37.81
CA ILE A 117 9.41 -18.65 38.96
C ILE A 117 9.09 -19.63 40.07
N TYR A 118 9.72 -19.45 41.24
CA TYR A 118 9.59 -20.46 42.29
C TYR A 118 9.34 -19.77 43.61
N ASN A 119 8.71 -20.49 44.54
CA ASN A 119 8.37 -20.03 45.87
C ASN A 119 9.48 -20.45 46.82
N LYS A 120 10.26 -19.46 47.24
CA LYS A 120 11.46 -19.66 48.02
C LYS A 120 11.19 -20.29 49.42
N ASP A 121 9.98 -20.17 49.92
CA ASP A 121 9.65 -20.75 51.22
C ASP A 121 9.29 -22.20 51.05
N LEU A 122 8.72 -22.57 49.93
CA LEU A 122 8.43 -23.96 49.71
C LEU A 122 9.64 -24.66 49.14
N LEU A 123 10.56 -23.94 48.51
CA LEU A 123 11.57 -24.55 47.63
C LEU A 123 12.79 -23.65 47.57
N PRO A 124 13.63 -23.72 48.60
CA PRO A 124 14.76 -22.76 48.62
C PRO A 124 15.76 -23.02 47.53
N ASN A 125 15.91 -24.26 47.02
CA ASN A 125 16.78 -24.50 45.88
C ASN A 125 15.95 -25.00 44.74
N PRO A 126 15.79 -24.18 43.72
CA PRO A 126 15.03 -24.65 42.55
C PRO A 126 15.77 -25.80 41.79
N PRO A 127 15.04 -26.68 41.10
CA PRO A 127 15.64 -27.78 40.33
C PRO A 127 16.39 -27.30 39.13
N LYS A 128 17.56 -27.87 38.93
CA LYS A 128 18.34 -27.56 37.74
C LYS A 128 17.90 -28.30 36.50
N THR A 129 17.23 -29.41 36.66
CA THR A 129 16.81 -30.29 35.58
C THR A 129 15.33 -30.56 35.58
N TRP A 130 14.77 -30.70 34.38
CA TRP A 130 13.41 -31.18 34.22
C TRP A 130 13.24 -32.62 34.82
N GLU A 131 14.27 -33.45 34.63
CA GLU A 131 14.21 -34.86 35.00
C GLU A 131 14.06 -35.02 36.51
N GLU A 132 14.45 -34.04 37.33
CA GLU A 132 14.25 -34.24 38.74
C GLU A 132 12.90 -33.79 39.26
N ILE A 133 12.05 -33.28 38.38
CA ILE A 133 10.80 -32.75 38.81
C ILE A 133 9.76 -33.80 39.26
N PRO A 134 9.71 -35.02 38.67
CA PRO A 134 8.83 -36.05 39.19
C PRO A 134 9.10 -36.37 40.67
N ALA A 135 10.38 -36.49 41.04
CA ALA A 135 10.80 -36.74 42.42
C ALA A 135 10.42 -35.60 43.31
N LEU A 136 10.62 -34.39 42.83
CA LEU A 136 10.26 -33.24 43.62
C LEU A 136 8.73 -33.19 43.81
N ASP A 137 7.95 -33.51 42.77
CA ASP A 137 6.51 -33.46 42.93
C ASP A 137 6.02 -34.49 43.94
N LYS A 138 6.65 -35.64 43.94
CA LYS A 138 6.30 -36.69 44.91
C LYS A 138 6.50 -36.17 46.35
N GLU A 139 7.62 -35.55 46.61
CA GLU A 139 7.92 -35.01 47.91
C GLU A 139 6.91 -33.93 48.29
N LEU A 140 6.66 -32.97 47.37
CA LEU A 140 5.71 -31.91 47.62
C LEU A 140 4.27 -32.40 47.78
N LYS A 141 3.86 -33.43 47.04
CA LYS A 141 2.52 -33.93 47.14
C LYS A 141 2.30 -34.48 48.57
N ALA A 142 3.35 -35.02 49.15
CA ALA A 142 3.25 -35.57 50.51
C ALA A 142 3.03 -34.42 51.50
N LYS A 143 3.49 -33.23 51.19
CA LYS A 143 3.27 -32.06 52.03
C LYS A 143 1.99 -31.28 51.66
N GLY A 144 1.15 -31.84 50.81
CA GLY A 144 -0.05 -31.23 50.38
C GLY A 144 0.08 -30.18 49.29
N LYS A 145 1.21 -30.18 48.56
CA LYS A 145 1.47 -29.17 47.51
C LYS A 145 1.77 -29.87 46.17
N SER A 146 2.24 -29.14 45.16
CA SER A 146 2.67 -29.74 43.89
C SER A 146 3.92 -29.02 43.50
N ALA A 147 4.73 -29.65 42.67
CA ALA A 147 5.96 -28.98 42.25
C ALA A 147 5.76 -27.84 41.24
N LEU A 148 4.93 -28.09 40.24
CA LEU A 148 4.93 -27.21 39.05
C LEU A 148 3.59 -27.14 38.41
N MET A 149 3.12 -25.91 38.20
CA MET A 149 1.93 -25.68 37.36
C MET A 149 2.19 -24.52 36.40
N PHE A 150 1.88 -24.77 35.15
CA PHE A 150 1.93 -23.73 34.17
C PHE A 150 0.95 -24.03 33.04
N ASN A 151 0.74 -23.02 32.22
CA ASN A 151 -0.28 -23.07 31.17
C ASN A 151 0.05 -24.11 30.13
N LEU A 152 -0.69 -25.19 30.15
CA LEU A 152 -0.55 -26.21 29.12
C LEU A 152 -1.41 -25.98 27.88
N GLN A 153 -2.21 -24.94 27.86
CA GLN A 153 -3.12 -24.79 26.75
C GLN A 153 -2.47 -23.94 25.64
N GLU A 154 -1.33 -23.28 25.93
CA GLU A 154 -0.64 -22.44 24.90
C GLU A 154 0.75 -22.97 24.72
N PRO A 155 1.11 -23.31 23.48
CA PRO A 155 2.37 -23.97 23.22
C PRO A 155 3.57 -23.11 23.48
N TYR A 156 3.35 -21.81 23.66
CA TYR A 156 4.46 -20.90 24.06
C TYR A 156 5.13 -21.42 25.29
N PHE A 157 4.34 -21.94 26.23
CA PHE A 157 4.86 -22.33 27.57
C PHE A 157 5.57 -23.71 27.58
N THR A 158 5.23 -24.56 26.63
CA THR A 158 5.82 -25.89 26.47
CA THR A 158 5.86 -25.87 26.49
C THR A 158 7.01 -25.93 25.48
N TRP A 159 7.03 -24.98 24.55
CA TRP A 159 8.09 -24.94 23.55
C TRP A 159 9.50 -24.97 24.15
N PRO A 160 9.79 -24.23 25.24
CA PRO A 160 11.15 -24.29 25.73
C PRO A 160 11.68 -25.72 25.95
N LEU A 161 10.81 -26.57 26.46
CA LEU A 161 11.13 -28.00 26.66
C LEU A 161 11.19 -28.78 25.37
N ILE A 162 10.27 -28.53 24.44
CA ILE A 162 10.33 -29.20 23.14
C ILE A 162 11.61 -28.86 22.33
N ALA A 163 12.05 -27.62 22.45
CA ALA A 163 13.21 -27.13 21.71
C ALA A 163 14.52 -27.52 22.38
N ALA A 164 14.49 -27.84 23.67
CA ALA A 164 15.72 -28.03 24.41
C ALA A 164 16.67 -29.05 23.74
N ASP A 165 16.15 -30.17 23.35
CA ASP A 165 17.03 -31.29 22.82
C ASP A 165 16.98 -31.41 21.32
N GLY A 166 16.44 -30.38 20.65
CA GLY A 166 16.63 -30.16 19.22
C GLY A 166 15.41 -29.82 18.39
N GLY A 167 14.23 -29.73 18.99
CA GLY A 167 13.07 -29.19 18.28
C GLY A 167 13.30 -27.79 17.72
N TYR A 168 12.78 -27.53 16.53
CA TYR A 168 12.79 -26.20 15.96
C TYR A 168 11.54 -25.98 15.09
N ALA A 169 11.28 -24.72 14.82
CA ALA A 169 10.14 -24.34 14.00
C ALA A 169 10.55 -24.49 12.50
N PHE A 170 11.23 -23.52 11.94
CA PHE A 170 11.65 -23.51 10.52
C PHE A 170 13.16 -23.33 10.50
N LYS A 171 13.82 -24.12 9.71
CA LYS A 171 15.25 -23.98 9.55
C LYS A 171 15.68 -22.61 9.02
N TYR A 172 16.64 -22.00 9.68
CA TYR A 172 17.18 -20.70 9.33
C TYR A 172 18.50 -20.93 8.67
N ALA A 173 18.71 -20.30 7.52
CA ALA A 173 20.06 -20.17 6.92
C ALA A 173 20.15 -18.87 6.08
N ALA A 174 21.28 -18.17 6.22
CA ALA A 174 21.60 -17.07 5.34
C ALA A 174 20.48 -16.05 5.49
N GLY A 175 20.18 -15.70 6.74
CA GLY A 175 19.13 -14.75 7.03
C GLY A 175 17.80 -15.12 6.39
N LYS A 176 17.51 -16.41 6.28
CA LYS A 176 16.29 -16.83 5.59
C LYS A 176 15.70 -18.16 6.11
N TYR A 177 14.39 -18.20 6.30
CA TYR A 177 13.76 -19.37 6.93
C TYR A 177 13.23 -20.30 5.89
N ASP A 178 13.60 -21.58 5.94
CA ASP A 178 13.11 -22.55 4.96
C ASP A 178 11.83 -23.18 5.40
N ILE A 179 10.70 -22.78 4.81
CA ILE A 179 9.40 -23.28 5.26
C ILE A 179 9.18 -24.73 4.93
N LYS A 180 10.07 -25.31 4.17
CA LYS A 180 9.87 -26.75 3.93
C LYS A 180 10.63 -27.62 4.92
N ASP A 181 11.40 -27.01 5.86
CA ASP A 181 12.21 -27.78 6.82
C ASP A 181 11.71 -27.35 8.18
N VAL A 182 10.71 -28.09 8.63
CA VAL A 182 10.03 -27.91 9.90
C VAL A 182 10.59 -28.88 10.93
N GLY A 183 10.90 -28.39 12.14
CA GLY A 183 11.62 -29.21 13.13
C GLY A 183 10.81 -29.69 14.31
N VAL A 184 9.50 -29.86 14.15
CA VAL A 184 8.65 -30.20 15.24
C VAL A 184 8.48 -31.72 15.43
N ASP A 185 9.01 -32.49 14.49
CA ASP A 185 8.81 -33.94 14.50
C ASP A 185 10.16 -34.69 14.50
N ASN A 186 11.20 -34.06 14.99
CA ASN A 186 12.47 -34.72 15.05
C ASN A 186 12.66 -35.40 16.46
N ALA A 187 13.80 -36.06 16.65
CA ALA A 187 14.02 -36.86 17.86
C ALA A 187 13.96 -35.98 19.11
N GLY A 188 14.55 -34.79 19.02
CA GLY A 188 14.56 -33.88 20.14
C GLY A 188 13.15 -33.42 20.52
N ALA A 189 12.35 -32.99 19.51
CA ALA A 189 11.03 -32.53 19.79
C ALA A 189 10.25 -33.68 20.45
N LYS A 190 10.36 -34.89 19.91
CA LYS A 190 9.60 -36.03 20.46
C LYS A 190 10.01 -36.33 21.87
N ALA A 191 11.31 -36.29 22.15
CA ALA A 191 11.75 -36.47 23.52
C ALA A 191 11.15 -35.46 24.53
N GLY A 192 11.14 -34.18 24.17
CA GLY A 192 10.60 -33.16 25.07
C GLY A 192 9.14 -33.33 25.31
N LEU A 193 8.40 -33.51 24.18
CA LEU A 193 6.99 -33.71 24.37
C LEU A 193 6.66 -34.97 25.17
N THR A 194 7.39 -36.05 24.89
CA THR A 194 7.18 -37.31 25.65
C THR A 194 7.41 -37.08 27.15
N PHE A 195 8.41 -36.29 27.50
CA PHE A 195 8.64 -35.99 28.93
C PHE A 195 7.44 -35.28 29.52
N LEU A 196 6.87 -34.31 28.80
CA LEU A 196 5.71 -33.59 29.28
C LEU A 196 4.52 -34.50 29.46
N VAL A 197 4.26 -35.37 28.47
CA VAL A 197 3.16 -36.28 28.53
C VAL A 197 3.31 -37.29 29.68
N ASP A 198 4.51 -37.78 29.87
CA ASP A 198 4.79 -38.59 31.07
C ASP A 198 4.54 -37.90 32.40
N LEU A 199 4.91 -36.62 32.53
CA LEU A 199 4.52 -35.87 33.70
C LEU A 199 3.02 -35.89 33.97
N ILE A 200 2.25 -35.74 32.93
CA ILE A 200 0.80 -35.79 33.08
C ILE A 200 0.30 -37.22 33.40
N LYS A 201 0.73 -38.19 32.64
CA LYS A 201 0.41 -39.62 32.92
C LYS A 201 0.77 -40.04 34.30
N ASN A 202 1.85 -39.53 34.85
CA ASN A 202 2.22 -39.87 36.21
C ASN A 202 1.64 -38.97 37.27
N LYS A 203 0.70 -38.11 36.87
CA LYS A 203 -0.11 -37.29 37.77
C LYS A 203 0.71 -36.20 38.43
N HIS A 204 1.77 -35.78 37.73
CA HIS A 204 2.55 -34.67 38.24
C HIS A 204 2.03 -33.33 37.71
N MET A 205 1.21 -33.37 36.67
CA MET A 205 0.55 -32.17 36.16
C MET A 205 -0.74 -32.66 35.58
N ASN A 206 -1.64 -31.73 35.35
CA ASN A 206 -3.00 -32.04 34.86
C ASN A 206 -3.10 -31.40 33.50
N ALA A 207 -3.63 -32.14 32.53
CA ALA A 207 -3.70 -31.69 31.16
C ALA A 207 -4.56 -30.42 30.93
N ASP A 208 -5.45 -30.16 31.85
CA ASP A 208 -6.39 -29.04 31.76
C ASP A 208 -5.86 -27.79 32.38
N THR A 209 -4.65 -27.80 32.97
CA THR A 209 -4.15 -26.60 33.60
C THR A 209 -4.01 -25.51 32.58
N ASP A 210 -4.52 -24.33 32.88
CA ASP A 210 -4.41 -23.24 32.01
C ASP A 210 -3.78 -22.04 32.70
N TYR A 211 -3.79 -20.88 32.05
CA TYR A 211 -3.09 -19.72 32.61
C TYR A 211 -3.64 -19.35 34.01
N SER A 212 -4.94 -19.18 34.11
CA SER A 212 -5.53 -18.73 35.39
CA SER A 212 -5.56 -18.73 35.37
C SER A 212 -5.38 -19.73 36.50
N ILE A 213 -5.51 -21.02 36.17
CA ILE A 213 -5.38 -22.06 37.17
C ILE A 213 -3.95 -22.03 37.71
N ALA A 214 -2.95 -21.92 36.82
CA ALA A 214 -1.59 -21.98 37.30
C ALA A 214 -1.27 -20.75 38.08
N GLU A 215 -1.68 -19.59 37.57
CA GLU A 215 -1.38 -18.35 38.28
C GLU A 215 -1.97 -18.35 39.76
N ALA A 216 -3.22 -18.77 39.86
CA ALA A 216 -3.87 -18.79 41.15
C ALA A 216 -3.20 -19.76 42.11
N ALA A 217 -2.85 -20.93 41.59
CA ALA A 217 -2.16 -21.92 42.37
C ALA A 217 -0.79 -21.43 42.90
N PHE A 218 0.01 -20.86 42.00
CA PHE A 218 1.26 -20.26 42.47
C PHE A 218 1.02 -19.14 43.43
N ASN A 219 0.11 -18.23 43.11
CA ASN A 219 0.05 -17.03 43.90
C ASN A 219 -0.63 -17.32 45.24
N LYS A 220 -1.37 -18.40 45.37
CA LYS A 220 -1.87 -18.82 46.70
C LYS A 220 -0.94 -19.74 47.47
N GLY A 221 0.21 -20.11 46.90
CA GLY A 221 1.13 -20.99 47.61
C GLY A 221 0.85 -22.46 47.53
N GLU A 222 0.07 -22.91 46.60
CA GLU A 222 -0.27 -24.37 46.46
C GLU A 222 0.74 -25.15 45.62
N THR A 223 1.49 -24.42 44.79
CA THR A 223 2.50 -25.07 43.88
C THR A 223 3.79 -24.33 44.05
N ALA A 224 4.90 -25.05 44.00
CA ALA A 224 6.17 -24.50 44.30
C ALA A 224 6.78 -23.69 43.11
N MET A 225 6.29 -23.95 41.90
CA MET A 225 6.90 -23.35 40.72
C MET A 225 5.84 -23.08 39.63
N THR A 226 6.16 -22.09 38.79
CA THR A 226 5.40 -21.84 37.64
C THR A 226 6.38 -21.39 36.53
N ILE A 227 5.89 -21.35 35.29
CA ILE A 227 6.69 -20.83 34.14
C ILE A 227 5.89 -19.67 33.56
N ASN A 228 6.48 -18.50 33.57
CA ASN A 228 5.77 -17.34 33.11
C ASN A 228 6.70 -16.24 32.69
N GLY A 229 6.12 -15.18 32.16
CA GLY A 229 6.91 -14.02 31.71
C GLY A 229 6.80 -12.84 32.66
N PRO A 230 7.48 -11.73 32.31
CA PRO A 230 7.58 -10.61 33.23
C PRO A 230 6.28 -9.97 33.63
N TRP A 231 5.27 -10.03 32.75
CA TRP A 231 4.01 -9.47 33.00
C TRP A 231 3.43 -10.07 34.29
N ALA A 232 3.79 -11.32 34.60
CA ALA A 232 3.17 -12.07 35.67
C ALA A 232 3.66 -11.60 37.05
N TRP A 233 4.77 -10.88 37.09
CA TRP A 233 5.42 -10.60 38.40
C TRP A 233 4.55 -9.66 39.28
N SER A 234 3.79 -8.79 38.67
CA SER A 234 2.98 -7.81 39.37
C SER A 234 1.95 -8.49 40.27
N ASN A 235 1.30 -9.50 39.74
CA ASN A 235 0.27 -10.22 40.51
C ASN A 235 0.85 -11.02 41.66
N ILE A 236 2.10 -11.42 41.56
CA ILE A 236 2.76 -12.22 42.54
C ILE A 236 3.14 -11.28 43.67
N ASP A 237 3.78 -10.20 43.29
CA ASP A 237 4.22 -9.16 44.15
C ASP A 237 3.03 -8.79 45.06
N THR A 238 1.83 -8.71 44.48
CA THR A 238 0.69 -8.42 45.37
C THR A 238 0.33 -9.61 46.31
N SER A 239 0.75 -10.82 46.00
CA SER A 239 0.39 -11.94 46.92
C SER A 239 1.47 -12.06 48.05
N VAL A 241 3.77 -14.25 48.66
CA VAL A 241 4.78 -15.21 48.17
C VAL A 241 6.17 -14.60 48.05
N ASN A 242 7.18 -15.28 48.59
CA ASN A 242 8.55 -14.86 48.47
C ASN A 242 9.16 -15.67 47.34
N TYR A 243 9.29 -15.02 46.17
CA TYR A 243 9.53 -15.73 44.91
C TYR A 243 10.87 -15.38 44.34
N GLY A 244 11.44 -16.31 43.55
CA GLY A 244 12.64 -16.11 42.77
C GLY A 244 12.32 -16.32 41.30
N VAL A 245 13.08 -15.63 40.46
CA VAL A 245 12.99 -15.77 39.00
C VAL A 245 14.36 -16.26 38.52
N THR A 246 14.38 -17.37 37.84
CA THR A 246 15.61 -18.00 37.53
C THR A 246 15.60 -18.74 36.19
N VAL A 247 16.76 -19.27 35.84
CA VAL A 247 16.92 -20.02 34.65
C VAL A 247 16.02 -21.24 34.59
N LEU A 248 15.44 -21.49 33.44
CA LEU A 248 14.62 -22.66 33.27
C LEU A 248 15.46 -23.95 33.44
N PRO A 249 14.85 -25.03 33.83
CA PRO A 249 15.62 -26.27 34.00
C PRO A 249 16.12 -26.79 32.67
N THR A 250 17.18 -27.59 32.73
CA THR A 250 17.72 -28.24 31.55
C THR A 250 16.96 -29.51 31.26
N PHE A 251 17.07 -29.99 30.04
CA PHE A 251 16.49 -31.25 29.60
C PHE A 251 17.52 -32.02 28.77
N LYS A 252 17.83 -33.27 29.17
CA LYS A 252 18.96 -33.98 28.61
C LYS A 252 20.21 -33.15 28.73
N GLY A 253 20.31 -32.37 29.80
CA GLY A 253 21.48 -31.53 30.04
C GLY A 253 21.62 -30.31 29.15
N GLN A 254 20.62 -30.04 28.30
CA GLN A 254 20.63 -28.93 27.40
C GLN A 254 19.71 -27.88 27.98
N PRO A 255 20.05 -26.61 27.79
CA PRO A 255 19.17 -25.55 28.24
C PRO A 255 17.80 -25.60 27.62
N SER A 256 16.76 -25.31 28.40
CA SER A 256 15.50 -25.00 27.79
C SER A 256 15.63 -23.73 26.94
N LYS A 257 14.87 -23.69 25.84
CA LYS A 257 15.09 -22.72 24.77
C LYS A 257 13.80 -22.04 24.47
N PRO A 258 13.45 -21.06 25.27
CA PRO A 258 12.21 -20.42 25.01
C PRO A 258 12.25 -19.60 23.67
N PHE A 259 11.09 -19.51 23.04
CA PHE A 259 10.91 -18.57 21.91
C PHE A 259 10.78 -17.17 22.45
N VAL A 260 11.73 -16.26 22.09
CA VAL A 260 11.72 -14.86 22.54
C VAL A 260 10.84 -13.93 21.67
N GLY A 261 9.94 -13.18 22.31
CA GLY A 261 9.06 -12.21 21.62
C GLY A 261 9.51 -10.79 21.89
N VAL A 262 9.36 -9.91 20.88
CA VAL A 262 9.53 -8.51 21.02
C VAL A 262 8.17 -7.96 20.92
N LEU A 263 7.63 -7.55 22.05
CA LEU A 263 6.32 -6.88 22.03
C LEU A 263 6.45 -5.69 21.14
N SER A 264 5.53 -5.56 20.20
CA SER A 264 5.63 -4.59 19.15
C SER A 264 4.30 -3.87 18.93
N ALA A 265 4.36 -2.67 18.38
CA ALA A 265 3.19 -1.89 18.07
C ALA A 265 3.13 -1.54 16.58
N GLY A 266 2.15 -2.10 15.89
CA GLY A 266 1.90 -1.84 14.50
C GLY A 266 0.72 -0.87 14.31
N ILE A 267 0.70 -0.18 13.15
CA ILE A 267 -0.34 0.77 12.80
C ILE A 267 -1.20 0.21 11.68
N ASN A 268 -2.50 0.13 11.88
CA ASN A 268 -3.47 -0.38 10.95
C ASN A 268 -3.34 0.36 9.61
N ALA A 269 -3.20 -0.39 8.53
CA ALA A 269 -3.07 0.27 7.24
C ALA A 269 -4.36 1.07 6.88
N ALA A 270 -5.49 0.77 7.48
CA ALA A 270 -6.69 1.50 7.21
C ALA A 270 -6.89 2.71 8.15
N SER A 271 -5.96 3.00 9.05
CA SER A 271 -6.14 4.11 9.95
C SER A 271 -6.06 5.46 9.22
N PRO A 272 -6.98 6.37 9.51
CA PRO A 272 -6.84 7.79 9.05
C PRO A 272 -6.01 8.61 10.04
N ASN A 273 -5.42 7.92 11.01
CA ASN A 273 -4.65 8.54 12.11
C ASN A 273 -3.20 8.14 12.18
N LYS A 274 -2.57 7.89 11.05
CA LYS A 274 -1.25 7.31 11.08
C LYS A 274 -0.25 8.24 11.70
N GLU A 275 -0.36 9.52 11.41
CA GLU A 275 0.65 10.46 11.95
C GLU A 275 0.48 10.68 13.45
N LEU A 276 -0.75 10.68 13.92
CA LEU A 276 -1.03 10.75 15.35
C LEU A 276 -0.49 9.47 16.08
N ALA A 277 -0.73 8.31 15.47
CA ALA A 277 -0.21 7.05 16.02
C ALA A 277 1.29 7.06 16.12
N LYS A 278 1.97 7.56 15.09
CA LYS A 278 3.42 7.69 15.13
C LYS A 278 3.93 8.67 16.21
N GLU A 279 3.22 9.80 16.34
CA GLU A 279 3.55 10.77 17.36
C GLU A 279 3.37 10.16 18.76
N PHE A 280 2.25 9.49 18.97
CA PHE A 280 2.01 8.79 20.21
C PHE A 280 3.13 7.77 20.53
N LEU A 281 3.42 6.88 19.58
CA LEU A 281 4.41 5.85 19.83
C LEU A 281 5.81 6.39 20.03
N GLU A 282 6.24 7.27 19.14
CA GLU A 282 7.60 7.80 19.22
C GLU A 282 7.83 8.80 20.37
N ASN A 283 6.89 9.69 20.57
CA ASN A 283 7.13 10.80 21.50
C ASN A 283 6.48 10.66 22.83
N TYR A 284 5.55 9.74 23.01
CA TYR A 284 4.89 9.52 24.31
C TYR A 284 5.22 8.14 24.92
N LEU A 285 4.99 7.07 24.16
CA LEU A 285 5.26 5.74 24.69
C LEU A 285 6.71 5.36 24.83
N LEU A 286 7.48 5.57 23.76
CA LEU A 286 8.83 5.11 23.72
C LEU A 286 9.75 6.20 24.28
N THR A 287 9.45 6.57 25.54
CA THR A 287 10.26 7.49 26.35
C THR A 287 10.40 6.79 27.71
N ASP A 288 11.27 7.30 28.57
CA ASP A 288 11.40 6.73 29.90
C ASP A 288 10.12 6.83 30.67
N GLU A 289 9.49 7.97 30.62
CA GLU A 289 8.22 8.19 31.33
C GLU A 289 7.07 7.29 30.83
N GLY A 290 6.97 7.16 29.51
CA GLY A 290 5.90 6.30 28.91
C GLY A 290 6.05 4.83 29.27
N LEU A 291 7.26 4.32 29.10
CA LEU A 291 7.55 2.94 29.40
C LEU A 291 7.41 2.70 30.88
N GLU A 292 7.86 3.65 31.69
CA GLU A 292 7.70 3.48 33.16
C GLU A 292 6.22 3.37 33.55
N ALA A 293 5.34 4.16 32.94
CA ALA A 293 3.92 4.05 33.22
C ALA A 293 3.34 2.64 32.94
N VAL A 294 3.78 2.04 31.84
CA VAL A 294 3.27 0.76 31.48
C VAL A 294 3.92 -0.28 32.40
N ASN A 295 5.22 -0.18 32.57
CA ASN A 295 6.03 -1.13 33.32
C ASN A 295 5.60 -1.19 34.77
N LYS A 296 5.07 -0.09 35.30
CA LYS A 296 4.69 -0.16 36.70
C LYS A 296 3.34 -0.80 36.91
N ASP A 297 2.53 -0.83 35.86
CA ASP A 297 1.29 -1.59 35.83
C ASP A 297 1.61 -3.09 35.73
N LYS A 298 2.19 -3.55 34.61
CA LYS A 298 2.69 -4.91 34.51
C LYS A 298 4.08 -4.86 33.87
N PRO A 299 5.11 -5.53 34.45
CA PRO A 299 6.42 -5.42 33.87
C PRO A 299 6.46 -5.79 32.40
N LEU A 300 7.14 -4.97 31.64
CA LEU A 300 7.34 -5.24 30.25
C LEU A 300 8.40 -6.29 29.90
N GLY A 301 9.38 -6.53 30.78
CA GLY A 301 10.57 -7.25 30.39
C GLY A 301 11.73 -6.27 30.14
N ALA A 302 12.63 -6.68 29.28
CA ALA A 302 13.78 -5.82 28.91
C ALA A 302 13.37 -4.86 27.76
N VAL A 303 13.27 -3.58 28.00
CA VAL A 303 12.69 -2.74 27.00
C VAL A 303 13.67 -2.42 25.87
N ALA A 304 13.09 -2.08 24.75
CA ALA A 304 13.84 -1.79 23.55
C ALA A 304 14.58 -0.47 23.63
N LEU A 305 14.10 0.47 24.44
CA LEU A 305 14.67 1.79 24.58
C LEU A 305 15.90 1.72 25.52
N LYS A 306 17.08 2.05 24.97
CA LYS A 306 18.32 1.85 25.67
C LYS A 306 18.37 2.62 26.98
N SER A 307 17.90 3.84 26.95
CA SER A 307 18.00 4.71 28.14
C SER A 307 17.27 4.09 29.33
N TYR A 308 16.12 3.44 29.11
CA TYR A 308 15.39 2.89 30.22
C TYR A 308 15.82 1.47 30.52
N GLU A 309 16.21 0.70 29.48
CA GLU A 309 16.72 -0.64 29.72
C GLU A 309 17.99 -0.59 30.63
N GLU A 310 18.78 0.47 30.51
CA GLU A 310 19.95 0.60 31.37
C GLU A 310 19.56 0.63 32.82
N GLU A 311 18.41 1.18 33.14
CA GLU A 311 17.91 1.09 34.52
C GLU A 311 17.31 -0.26 34.86
N LEU A 312 16.46 -0.80 33.98
CA LEU A 312 15.78 -2.06 34.27
C LEU A 312 16.72 -3.22 34.33
N ALA A 313 17.83 -3.12 33.62
CA ALA A 313 18.75 -4.24 33.60
C ALA A 313 19.32 -4.54 34.92
N LYS A 314 19.23 -3.58 35.85
CA LYS A 314 19.74 -3.84 37.20
C LYS A 314 18.79 -4.68 38.04
N ASP A 315 17.54 -4.83 37.62
CA ASP A 315 16.60 -5.73 38.32
C ASP A 315 17.02 -7.19 38.04
N PRO A 316 17.38 -7.95 39.06
CA PRO A 316 17.81 -9.34 38.79
C PRO A 316 16.76 -10.27 38.13
N ARG A 317 15.51 -9.88 38.22
CA ARG A 317 14.47 -10.58 37.48
C ARG A 317 14.66 -10.39 35.96
N ILE A 318 15.12 -9.21 35.59
CA ILE A 318 15.39 -8.91 34.19
C ILE A 318 16.63 -9.61 33.74
N ALA A 319 17.61 -9.73 34.65
CA ALA A 319 18.80 -10.47 34.30
C ALA A 319 18.51 -11.93 34.02
N ALA A 320 17.62 -12.50 34.82
CA ALA A 320 17.16 -13.87 34.61
C ALA A 320 16.40 -13.98 33.29
N THR A 321 15.55 -13.00 33.03
CA THR A 321 14.79 -12.95 31.81
C THR A 321 15.77 -13.03 30.58
N MET A 322 16.82 -12.17 30.58
CA MET A 322 17.75 -12.12 29.49
C MET A 322 18.65 -13.36 29.41
N GLU A 323 18.89 -14.02 30.52
CA GLU A 323 19.65 -15.23 30.51
C GLU A 323 18.83 -16.36 29.83
N ASN A 324 17.56 -16.48 30.17
CA ASN A 324 16.72 -17.40 29.45
C ASN A 324 16.56 -16.96 27.96
N ALA A 325 16.45 -15.67 27.70
CA ALA A 325 16.30 -15.23 26.31
C ALA A 325 17.53 -15.58 25.50
N GLN A 326 18.71 -15.47 26.10
CA GLN A 326 19.95 -15.81 25.37
C GLN A 326 20.04 -17.30 25.07
N LYS A 327 19.48 -18.13 25.95
CA LYS A 327 19.52 -19.54 25.73
C LYS A 327 18.50 -19.96 24.64
N GLY A 328 17.48 -19.17 24.46
CA GLY A 328 16.45 -19.42 23.49
C GLY A 328 16.74 -18.71 22.17
N GLU A 329 15.69 -18.46 21.40
CA GLU A 329 15.86 -17.90 20.06
C GLU A 329 14.77 -16.87 19.85
N ILE A 330 15.09 -15.81 19.15
CA ILE A 330 14.08 -14.84 18.70
C ILE A 330 13.13 -15.52 17.71
N MET A 331 11.83 -15.36 17.89
CA MET A 331 10.89 -15.99 16.97
C MET A 331 11.08 -15.44 15.56
N PRO A 332 10.83 -16.28 14.55
CA PRO A 332 10.59 -15.74 13.19
C PRO A 332 9.34 -14.90 13.18
N ASN A 333 9.26 -13.99 12.21
CA ASN A 333 8.05 -13.24 11.99
C ASN A 333 7.35 -13.55 10.65
N ILE A 334 7.72 -14.66 10.06
CA ILE A 334 7.18 -15.05 8.77
C ILE A 334 5.71 -15.36 8.87
N PRO A 335 4.98 -15.28 7.74
CA PRO A 335 3.55 -15.50 7.81
C PRO A 335 3.13 -16.91 8.18
N GLN A 336 4.05 -17.86 8.04
CA GLN A 336 3.74 -19.25 8.39
C GLN A 336 3.76 -19.45 9.93
N MET A 337 4.19 -18.45 10.73
CA MET A 337 4.14 -18.60 12.20
C MET A 337 2.79 -18.92 12.79
N SER A 338 1.72 -18.34 12.31
CA SER A 338 0.42 -18.66 12.85
CA SER A 338 0.41 -18.65 12.79
C SER A 338 0.08 -20.17 12.63
N ALA A 339 0.55 -20.75 11.53
CA ALA A 339 0.32 -22.20 11.22
C ALA A 339 1.17 -23.04 12.12
N PHE A 340 2.41 -22.62 12.31
CA PHE A 340 3.30 -23.28 13.24
C PHE A 340 2.63 -23.36 14.59
N TRP A 341 2.17 -22.22 15.10
CA TRP A 341 1.60 -22.21 16.42
C TRP A 341 0.35 -23.05 16.54
N TYR A 342 -0.55 -22.97 15.58
CA TYR A 342 -1.75 -23.80 15.60
C TYR A 342 -1.33 -25.29 15.65
N ALA A 343 -0.37 -25.63 14.82
CA ALA A 343 0.07 -27.01 14.72
C ALA A 343 0.64 -27.53 16.03
N VAL A 344 1.49 -26.72 16.66
CA VAL A 344 2.06 -27.10 17.95
C VAL A 344 1.03 -27.05 19.08
N ARG A 345 0.14 -26.06 19.13
CA ARG A 345 -0.91 -26.02 20.13
C ARG A 345 -1.72 -27.30 20.14
N THR A 346 -2.16 -27.69 18.95
CA THR A 346 -2.99 -28.87 18.72
C THR A 346 -2.25 -30.16 19.06
N ALA A 347 -0.99 -30.28 18.65
CA ALA A 347 -0.18 -31.44 19.00
C ALA A 347 -0.02 -31.61 20.51
N VAL A 348 0.27 -30.51 21.19
CA VAL A 348 0.46 -30.57 22.61
C VAL A 348 -0.82 -30.96 23.34
N ILE A 349 -1.91 -30.27 23.00
CA ILE A 349 -3.21 -30.58 23.56
C ILE A 349 -3.66 -32.04 23.27
N ASN A 350 -3.52 -32.53 22.06
CA ASN A 350 -3.88 -33.88 21.72
C ASN A 350 -3.01 -34.91 22.44
N ALA A 351 -1.72 -34.65 22.53
CA ALA A 351 -0.85 -35.62 23.18
C ALA A 351 -1.11 -35.59 24.69
N ALA A 352 -1.29 -34.41 25.26
CA ALA A 352 -1.54 -34.29 26.71
C ALA A 352 -2.85 -34.92 27.14
N SER A 353 -3.85 -34.90 26.28
CA SER A 353 -5.17 -35.42 26.65
C SER A 353 -5.32 -36.89 26.32
N GLY A 354 -4.39 -37.51 25.57
CA GLY A 354 -4.57 -38.92 25.14
C GLY A 354 -5.20 -39.04 23.76
N ARG A 355 -5.73 -37.97 23.20
CA ARG A 355 -6.29 -38.03 21.84
C ARG A 355 -5.31 -38.64 20.82
N GLN A 356 -4.01 -38.33 20.91
CA GLN A 356 -3.03 -38.82 19.97
C GLN A 356 -1.80 -39.26 20.75
N THR A 357 -1.06 -40.20 20.20
CA THR A 357 0.26 -40.49 20.72
C THR A 357 1.21 -39.31 20.42
N VAL A 358 2.28 -39.13 21.18
CA VAL A 358 3.26 -38.05 20.80
C VAL A 358 3.72 -38.15 19.34
N ASP A 359 4.06 -39.36 18.90
CA ASP A 359 4.54 -39.51 17.53
C ASP A 359 3.50 -39.16 16.48
N ALA A 360 2.25 -39.49 16.72
CA ALA A 360 1.21 -39.15 15.77
C ALA A 360 0.95 -37.65 15.82
N ALA A 361 0.98 -37.06 17.03
CA ALA A 361 0.62 -35.66 17.30
C ALA A 361 1.65 -34.77 16.58
N LEU A 362 2.92 -35.10 16.72
CA LEU A 362 3.99 -34.38 16.06
C LEU A 362 4.15 -34.63 14.58
N ALA A 363 3.83 -35.83 14.09
CA ALA A 363 3.83 -36.04 12.64
C ALA A 363 2.82 -35.13 11.96
N ALA A 364 1.65 -35.06 12.56
CA ALA A 364 0.62 -34.21 12.10
C ALA A 364 1.02 -32.74 12.20
N ALA A 365 1.72 -32.34 13.26
CA ALA A 365 2.11 -30.91 13.41
C ALA A 365 3.04 -30.56 12.29
N GLN A 366 3.91 -31.45 11.90
CA GLN A 366 4.89 -31.13 10.88
C GLN A 366 4.17 -30.82 9.54
N THR A 367 3.18 -31.66 9.22
CA THR A 367 2.26 -31.35 8.11
C THR A 367 1.50 -30.08 8.24
N ASN A 368 0.87 -29.85 9.39
CA ASN A 368 0.01 -28.72 9.55
C ASN A 368 0.74 -27.38 9.54
N ALA A 369 2.01 -27.38 9.94
CA ALA A 369 2.76 -26.15 10.05
C ALA A 369 3.04 -25.59 8.62
N ALA A 370 2.92 -26.41 7.60
CA ALA A 370 2.93 -25.97 6.18
C ALA A 370 1.71 -25.08 5.79
N ALA A 371 0.54 -25.46 6.26
CA ALA A 371 -0.74 -24.93 5.83
C ALA A 371 -1.08 -23.56 6.45
N MET A 372 -0.46 -22.56 5.91
CA MET A 372 -0.69 -21.20 6.37
C MET A 372 -2.08 -20.71 5.98
N THR A 373 -2.76 -20.04 6.91
CA THR A 373 -4.12 -19.55 6.70
C THR A 373 -4.06 -18.11 7.21
N VAL A 374 -3.54 -17.21 6.39
CA VAL A 374 -3.60 -15.76 6.75
C VAL A 374 -4.52 -14.95 5.81
N GLY A 375 -5.13 -15.62 4.85
CA GLY A 375 -6.07 -15.05 3.91
C GLY A 375 -7.30 -14.46 4.58
N THR A 376 -7.84 -13.43 3.93
CA THR A 376 -8.89 -12.65 4.56
C THR A 376 -10.13 -12.46 3.63
N LEU A 377 -10.28 -13.30 2.61
CA LEU A 377 -11.41 -13.08 1.68
C LEU A 377 -12.78 -13.18 2.38
N VAL A 378 -12.98 -14.21 3.19
CA VAL A 378 -14.30 -14.33 3.83
C VAL A 378 -14.43 -13.31 4.98
N ALA A 379 -13.32 -12.93 5.60
CA ALA A 379 -13.41 -11.93 6.69
C ALA A 379 -14.08 -10.69 6.18
N SER A 380 -13.88 -10.39 4.91
CA SER A 380 -14.47 -9.22 4.27
CA SER A 380 -14.47 -9.22 4.27
C SER A 380 -15.98 -9.25 4.18
N VAL A 381 -16.62 -10.41 4.38
CA VAL A 381 -18.08 -10.46 4.37
C VAL A 381 -18.65 -10.82 5.73
N LEU A 382 -17.88 -10.70 6.79
CA LEU A 382 -18.36 -10.92 8.10
C LEU A 382 -18.53 -9.59 8.83
N PRO A 383 -19.50 -9.51 9.75
CA PRO A 383 -19.76 -8.29 10.51
C PRO A 383 -18.72 -8.13 11.60
N ALA A 384 -17.94 -7.05 11.51
CA ALA A 384 -16.90 -6.74 12.50
C ALA A 384 -17.52 -6.57 13.85
N THR A 385 -18.77 -6.17 13.91
CA THR A 385 -19.35 -5.90 15.23
C THR A 385 -19.47 -7.14 16.05
N VAL A 386 -19.47 -8.31 15.44
CA VAL A 386 -19.65 -9.53 16.25
C VAL A 386 -18.33 -10.34 16.26
N PHE A 387 -17.20 -9.66 16.09
CA PHE A 387 -15.91 -10.34 15.95
C PHE A 387 -15.58 -11.25 17.10
N GLU A 388 -15.99 -10.92 18.31
CA GLU A 388 -15.64 -11.78 19.44
C GLU A 388 -16.27 -13.17 19.42
N ASP A 389 -17.36 -13.32 18.69
CA ASP A 389 -18.03 -14.62 18.64
C ASP A 389 -17.99 -15.32 17.29
N LEU A 390 -17.12 -14.88 16.39
CA LEU A 390 -16.96 -15.47 15.12
C LEU A 390 -15.49 -15.74 14.91
N ALA A 391 -15.18 -16.80 14.13
CA ALA A 391 -13.81 -17.10 13.72
C ALA A 391 -13.83 -17.73 12.34
N TYR A 392 -12.71 -17.66 11.63
CA TYR A 392 -12.70 -18.18 10.26
C TYR A 392 -11.27 -18.66 9.86
N ALA A 393 -11.20 -19.43 8.82
CA ALA A 393 -9.97 -19.76 8.15
C ALA A 393 -10.27 -20.22 6.78
N GLU A 394 -9.32 -19.97 5.87
CA GLU A 394 -9.48 -20.34 4.51
C GLU A 394 -8.11 -20.73 3.89
N LEU A 395 -8.18 -21.54 2.84
CA LEU A 395 -7.04 -22.01 2.07
C LEU A 395 -7.40 -21.92 0.59
N TYR A 396 -6.40 -21.71 -0.26
CA TYR A 396 -6.68 -21.62 -1.69
C TYR A 396 -6.19 -22.85 -2.43
N SER A 397 -5.71 -23.87 -1.73
CA SER A 397 -5.25 -25.09 -2.34
C SER A 397 -5.47 -26.18 -1.31
N ASP A 398 -5.11 -27.39 -1.67
CA ASP A 398 -5.11 -28.53 -0.72
C ASP A 398 -3.67 -28.84 -0.31
N PRO A 399 -3.28 -28.50 0.91
CA PRO A 399 -1.90 -28.78 1.34
C PRO A 399 -1.66 -30.26 1.38
N PRO A 400 -0.46 -30.69 1.04
CA PRO A 400 -0.21 -32.14 0.95
C PRO A 400 -0.10 -32.84 2.31
N GLY A 401 -0.62 -34.06 2.37
CA GLY A 401 -0.57 -34.83 3.59
C GLY A 401 -1.60 -34.51 4.66
N LEU A 402 -2.48 -33.54 4.47
CA LEU A 402 -3.57 -33.37 5.45
C LEU A 402 -4.39 -34.63 5.53
N THR A 403 -4.91 -34.93 6.71
CA THR A 403 -5.69 -36.12 6.91
C THR A 403 -7.03 -35.76 7.58
N PRO A 404 -8.06 -36.57 7.36
CA PRO A 404 -9.25 -36.37 8.19
C PRO A 404 -8.99 -36.93 9.63
N LEU A 405 -9.77 -36.51 10.61
CA LEU A 405 -9.76 -37.21 11.86
C LEU A 405 -10.31 -38.63 11.64
N PRO A 406 -9.88 -39.57 12.48
CA PRO A 406 -10.32 -40.98 12.32
C PRO A 406 -11.86 -41.14 12.26
N GLU A 407 -12.54 -40.37 13.09
CA GLU A 407 -14.01 -40.37 13.11
C GLU A 407 -14.64 -39.93 11.81
N GLU A 408 -13.92 -39.09 11.05
CA GLU A 408 -14.42 -38.53 9.80
C GLU A 408 -14.11 -39.41 8.62
N ALA A 409 -13.12 -40.25 8.76
CA ALA A 409 -12.65 -41.02 7.63
C ALA A 409 -13.79 -41.81 6.90
N PRO A 410 -14.76 -42.40 7.65
CA PRO A 410 -15.80 -43.16 6.94
C PRO A 410 -16.61 -42.35 5.96
N LEU A 411 -16.73 -41.05 6.20
CA LEU A 411 -17.55 -40.19 5.34
C LEU A 411 -17.02 -40.09 3.94
N ILE A 412 -15.72 -40.35 3.75
CA ILE A 412 -15.13 -40.20 2.41
C ILE A 412 -14.40 -41.49 1.98
N ALA A 413 -14.69 -42.59 2.64
CA ALA A 413 -13.95 -43.82 2.38
C ALA A 413 -14.11 -44.31 0.95
N ARG A 414 -15.23 -44.07 0.30
CA ARG A 414 -15.48 -44.50 -1.07
C ARG A 414 -15.73 -43.32 -1.94
N SER A 415 -15.19 -42.18 -1.55
CA SER A 415 -15.42 -40.98 -2.33
C SER A 415 -14.28 -40.73 -3.35
N VAL A 416 -14.61 -39.95 -4.36
CA VAL A 416 -13.61 -39.60 -5.38
C VAL A 416 -12.55 -38.63 -4.83
N ALA A 417 -11.39 -38.64 -5.47
CA ALA A 417 -10.26 -37.89 -4.97
C ALA A 417 -10.55 -36.39 -4.71
N LYS A 418 -11.20 -35.70 -5.61
CA LYS A 418 -11.48 -34.27 -5.48
C LYS A 418 -12.39 -34.06 -4.28
N ARG A 419 -13.32 -34.98 -4.07
CA ARG A 419 -14.21 -34.89 -2.91
C ARG A 419 -13.41 -35.09 -1.63
N ARG A 420 -12.54 -36.12 -1.60
CA ARG A 420 -11.73 -36.37 -0.41
C ARG A 420 -10.89 -35.12 -0.06
N ASN A 421 -10.23 -34.54 -1.04
CA ASN A 421 -9.43 -33.33 -0.84
C ASN A 421 -10.19 -32.14 -0.29
N GLU A 422 -11.34 -31.82 -0.85
CA GLU A 422 -12.10 -30.65 -0.43
C GLU A 422 -12.66 -30.87 0.99
N PHE A 423 -13.04 -32.10 1.27
CA PHE A 423 -13.61 -32.47 2.58
C PHE A 423 -12.54 -32.28 3.65
N ILE A 424 -11.36 -32.86 3.38
CA ILE A 424 -10.28 -32.85 4.37
C ILE A 424 -9.79 -31.40 4.60
N THR A 425 -9.53 -30.71 3.53
CA THR A 425 -9.03 -29.34 3.63
C THR A 425 -9.98 -28.39 4.32
N VAL A 426 -11.26 -28.41 3.98
CA VAL A 426 -12.19 -27.54 4.64
C VAL A 426 -12.37 -27.84 6.12
N ARG A 427 -12.23 -29.10 6.51
CA ARG A 427 -12.35 -29.41 7.94
C ARG A 427 -11.12 -29.01 8.70
N HIS A 428 -9.97 -29.04 8.06
CA HIS A 428 -8.77 -28.41 8.67
C HIS A 428 -9.04 -26.93 8.98
N CYS A 429 -9.61 -26.21 7.98
CA CYS A 429 -10.01 -24.83 8.19
C CYS A 429 -10.99 -24.71 9.35
N ALA A 430 -11.97 -25.59 9.41
CA ALA A 430 -12.93 -25.54 10.48
C ALA A 430 -12.27 -25.69 11.87
N ARG A 431 -11.29 -26.59 11.96
CA ARG A 431 -10.63 -26.82 13.24
C ARG A 431 -9.71 -25.64 13.60
N ILE A 432 -9.13 -24.99 12.61
CA ILE A 432 -8.36 -23.76 12.88
C ILE A 432 -9.31 -22.71 13.43
N ALA A 433 -10.50 -22.55 12.82
CA ALA A 433 -11.44 -21.54 13.34
C ALA A 433 -11.96 -21.90 14.73
N LEU A 434 -12.25 -23.17 14.98
CA LEU A 434 -12.77 -23.56 16.26
C LEU A 434 -11.71 -23.28 17.36
N ASP A 435 -10.46 -23.57 17.05
CA ASP A 435 -9.35 -23.30 17.99
C ASP A 435 -9.34 -21.80 18.33
N GLN A 436 -9.70 -20.96 17.38
CA GLN A 436 -9.75 -19.50 17.67
C GLN A 436 -10.81 -19.16 18.70
N LEU A 437 -11.80 -20.02 18.87
CA LEU A 437 -12.88 -19.76 19.79
C LEU A 437 -12.65 -20.56 21.04
N GLY A 438 -11.50 -21.22 21.14
CA GLY A 438 -11.15 -21.92 22.31
C GLY A 438 -11.68 -23.31 22.33
N VAL A 439 -11.98 -23.92 21.18
CA VAL A 439 -12.60 -25.22 21.20
C VAL A 439 -11.57 -26.21 20.67
N PRO A 440 -11.35 -27.28 21.41
CA PRO A 440 -10.41 -28.28 20.91
C PRO A 440 -10.91 -29.07 19.66
N PRO A 441 -9.97 -29.76 18.99
CA PRO A 441 -10.19 -30.49 17.75
C PRO A 441 -11.35 -31.43 17.89
N ALA A 442 -12.27 -31.37 16.93
CA ALA A 442 -13.40 -32.25 16.91
C ALA A 442 -13.70 -32.65 15.47
N PRO A 443 -14.21 -33.86 15.31
CA PRO A 443 -14.70 -34.27 13.97
C PRO A 443 -15.90 -33.42 13.57
N ILE A 444 -16.02 -33.08 12.29
CA ILE A 444 -17.18 -32.37 11.81
C ILE A 444 -17.93 -33.33 10.88
N LEU A 445 -18.93 -34.01 11.42
CA LEU A 445 -19.73 -34.97 10.62
C LEU A 445 -20.86 -34.32 9.86
N LYS A 446 -21.65 -35.14 9.13
CA LYS A 446 -22.77 -34.65 8.30
C LYS A 446 -24.04 -35.29 8.77
N GLY A 447 -25.07 -34.45 8.96
CA GLY A 447 -26.33 -34.92 9.51
C GLY A 447 -27.46 -34.70 8.53
N ASP A 448 -28.54 -34.09 9.04
CA ASP A 448 -29.76 -33.92 8.28
C ASP A 448 -29.47 -33.23 6.96
N LYS A 449 -29.86 -33.90 5.84
CA LYS A 449 -29.67 -33.35 4.53
C LYS A 449 -28.22 -32.84 4.28
N GLY A 450 -27.27 -33.50 4.91
CA GLY A 450 -25.83 -33.16 4.76
C GLY A 450 -25.26 -31.99 5.61
N GLU A 451 -26.11 -31.38 6.44
CA GLU A 451 -25.75 -30.30 7.34
C GLU A 451 -24.54 -30.70 8.19
N PRO A 452 -23.54 -29.81 8.28
CA PRO A 452 -22.43 -30.14 9.18
C PRO A 452 -22.79 -30.11 10.66
N CYS A 453 -22.15 -30.98 11.43
CA CYS A 453 -22.45 -31.22 12.85
C CYS A 453 -21.31 -30.60 13.68
N TRP A 454 -21.65 -29.53 14.39
CA TRP A 454 -20.68 -28.73 15.12
C TRP A 454 -20.60 -29.19 16.59
N PRO A 455 -19.50 -28.88 17.26
CA PRO A 455 -19.39 -29.09 18.70
C PRO A 455 -20.46 -28.33 19.45
N ASP A 456 -20.81 -28.86 20.62
CA ASP A 456 -21.74 -28.21 21.51
C ASP A 456 -21.40 -26.75 21.64
N GLY A 457 -22.41 -25.91 21.57
CA GLY A 457 -22.20 -24.51 21.76
C GLY A 457 -21.68 -23.74 20.55
N MET A 458 -21.49 -24.43 19.40
CA MET A 458 -20.98 -23.81 18.20
C MET A 458 -21.95 -23.97 17.01
N VAL A 459 -21.82 -23.04 16.08
CA VAL A 459 -22.55 -23.12 14.78
C VAL A 459 -21.51 -22.79 13.73
N GLY A 460 -21.86 -22.91 12.44
CA GLY A 460 -20.87 -22.63 11.42
C GLY A 460 -21.32 -22.98 10.05
N SER A 461 -20.43 -22.78 9.12
CA SER A 461 -20.65 -23.18 7.73
C SER A 461 -19.33 -23.41 6.97
N LEU A 462 -19.39 -24.32 6.01
CA LEU A 462 -18.28 -24.73 5.20
C LEU A 462 -18.56 -24.47 3.73
N THR A 463 -17.50 -24.20 2.98
CA THR A 463 -17.61 -24.02 1.52
C THR A 463 -16.32 -24.43 0.81
N HIS A 464 -16.45 -25.04 -0.37
CA HIS A 464 -15.27 -25.43 -1.17
C HIS A 464 -15.68 -25.43 -2.61
N CYS A 465 -14.90 -24.69 -3.39
CA CYS A 465 -15.02 -24.61 -4.85
C CYS A 465 -13.62 -24.58 -5.46
N ALA A 466 -13.51 -24.40 -6.77
CA ALA A 466 -12.17 -24.37 -7.36
C ALA A 466 -11.42 -23.18 -6.80
N GLY A 467 -10.25 -23.47 -6.23
CA GLY A 467 -9.40 -22.42 -5.73
C GLY A 467 -9.79 -21.88 -4.35
N TYR A 468 -10.74 -22.55 -3.66
CA TYR A 468 -11.08 -22.07 -2.34
C TYR A 468 -11.67 -23.13 -1.42
N ARG A 469 -11.24 -23.08 -0.16
CA ARG A 469 -11.86 -23.84 0.92
C ARG A 469 -12.02 -22.84 2.07
N GLY A 470 -13.19 -22.80 2.71
CA GLY A 470 -13.30 -21.90 3.86
C GLY A 470 -14.32 -22.37 4.87
N ALA A 471 -14.05 -21.97 6.13
CA ALA A 471 -14.93 -22.26 7.24
C ALA A 471 -15.10 -21.02 8.09
N VAL A 472 -16.35 -20.79 8.54
CA VAL A 472 -16.69 -19.77 9.49
C VAL A 472 -17.43 -20.42 10.62
N VAL A 473 -17.03 -20.15 11.86
CA VAL A 473 -17.67 -20.74 13.02
CA VAL A 473 -17.73 -20.72 13.01
C VAL A 473 -18.09 -19.63 13.98
N GLY A 474 -19.16 -19.86 14.72
CA GLY A 474 -19.68 -18.88 15.66
C GLY A 474 -20.11 -19.52 16.97
N ARG A 475 -20.06 -18.73 18.03
CA ARG A 475 -20.55 -19.17 19.36
C ARG A 475 -22.08 -19.14 19.37
N ARG A 476 -22.68 -20.28 19.55
CA ARG A 476 -24.16 -20.39 19.42
C ARG A 476 -24.91 -19.58 20.51
N ASP A 477 -24.29 -19.25 21.65
CA ASP A 477 -24.98 -18.38 22.63
C ASP A 477 -25.10 -16.96 22.09
N ALA A 478 -24.36 -16.59 21.03
CA ALA A 478 -24.52 -15.24 20.44
C ALA A 478 -24.99 -15.21 18.98
N VAL A 479 -24.78 -16.30 18.26
CA VAL A 479 -25.08 -16.38 16.82
C VAL A 479 -26.01 -17.55 16.59
N ARG A 480 -27.16 -17.34 15.93
CA ARG A 480 -28.12 -18.44 15.75
C ARG A 480 -27.66 -19.45 14.66
N SER A 481 -27.10 -18.95 13.58
CA SER A 481 -26.72 -19.78 12.45
C SER A 481 -25.74 -18.98 11.62
N VAL A 482 -24.94 -19.67 10.79
CA VAL A 482 -24.05 -19.07 9.83
C VAL A 482 -24.24 -19.81 8.54
N GLY A 483 -24.28 -19.08 7.42
CA GLY A 483 -24.23 -19.68 6.10
C GLY A 483 -23.23 -18.89 5.28
N ILE A 484 -22.28 -19.58 4.65
CA ILE A 484 -21.32 -18.94 3.78
C ILE A 484 -21.26 -19.69 2.46
N ASP A 485 -20.79 -19.04 1.40
CA ASP A 485 -20.67 -19.75 0.15
C ASP A 485 -19.62 -19.05 -0.73
N ALA A 486 -18.77 -19.85 -1.33
CA ALA A 486 -17.80 -19.35 -2.29
C ALA A 486 -18.12 -19.93 -3.64
N GLU A 487 -18.00 -19.08 -4.67
CA GLU A 487 -18.09 -19.56 -6.07
C GLU A 487 -17.00 -18.91 -6.91
N PRO A 488 -16.57 -19.59 -7.94
CA PRO A 488 -15.65 -18.89 -8.91
C PRO A 488 -16.38 -17.74 -9.62
N HIS A 489 -15.68 -16.63 -9.79
CA HIS A 489 -16.33 -15.46 -10.38
C HIS A 489 -16.34 -15.58 -11.85
N ASP A 490 -17.20 -16.45 -12.30
CA ASP A 490 -17.36 -16.79 -13.74
C ASP A 490 -18.84 -16.66 -14.05
N VAL A 491 -19.20 -16.49 -15.33
CA VAL A 491 -20.60 -16.56 -15.73
C VAL A 491 -21.20 -17.94 -15.40
N LEU A 492 -22.51 -18.00 -15.17
CA LEU A 492 -23.14 -19.29 -14.91
C LEU A 492 -23.22 -20.12 -16.19
N PRO A 493 -23.22 -21.45 -16.06
CA PRO A 493 -23.45 -22.26 -17.25
C PRO A 493 -24.77 -21.90 -17.86
N ASN A 494 -24.93 -22.26 -19.11
CA ASN A 494 -26.22 -22.17 -19.80
C ASN A 494 -27.41 -22.75 -19.10
N GLY A 495 -28.50 -21.96 -19.06
CA GLY A 495 -29.74 -22.42 -18.51
C GLY A 495 -29.80 -22.30 -16.98
N VAL A 496 -28.68 -22.09 -16.30
CA VAL A 496 -28.72 -22.11 -14.82
C VAL A 496 -29.39 -20.84 -14.24
N LEU A 497 -29.03 -19.68 -14.76
CA LEU A 497 -29.59 -18.43 -14.29
C LEU A 497 -31.10 -18.51 -14.25
N ASP A 498 -31.73 -19.04 -15.28
CA ASP A 498 -33.18 -19.03 -15.23
C ASP A 498 -33.76 -19.97 -14.21
N ALA A 499 -33.09 -21.07 -13.96
CA ALA A 499 -33.58 -21.97 -12.93
C ALA A 499 -33.34 -21.40 -11.52
N ILE A 500 -32.33 -20.54 -11.33
CA ILE A 500 -32.03 -20.12 -9.95
C ILE A 500 -32.57 -18.75 -9.60
N SER A 501 -33.16 -18.08 -10.59
CA SER A 501 -33.55 -16.67 -10.37
C SER A 501 -35.05 -16.40 -10.62
N LEU A 502 -35.52 -15.30 -10.05
CA LEU A 502 -36.87 -14.80 -10.28
C LEU A 502 -36.78 -13.70 -11.36
N PRO A 503 -37.87 -13.52 -12.11
CA PRO A 503 -37.87 -12.44 -13.11
C PRO A 503 -37.43 -11.07 -12.55
N ALA A 504 -37.88 -10.69 -11.37
CA ALA A 504 -37.51 -9.36 -10.85
C ALA A 504 -36.04 -9.24 -10.53
N GLU A 505 -35.42 -10.37 -10.07
CA GLU A 505 -33.95 -10.38 -9.80
C GLU A 505 -33.20 -10.14 -11.12
N ARG A 506 -33.72 -10.78 -12.18
CA ARG A 506 -33.08 -10.63 -13.46
C ARG A 506 -33.25 -9.21 -14.00
N ALA A 507 -34.34 -8.58 -13.63
CA ALA A 507 -34.54 -7.18 -14.02
C ALA A 507 -33.68 -6.23 -13.20
N ASP A 508 -33.63 -6.43 -11.88
CA ASP A 508 -33.01 -5.44 -10.94
C ASP A 508 -31.47 -5.56 -10.85
N MET A 509 -30.97 -6.76 -10.82
CA MET A 509 -29.55 -6.84 -10.50
C MET A 509 -28.60 -6.22 -11.51
N PRO A 510 -28.81 -6.46 -12.80
CA PRO A 510 -27.88 -5.80 -13.74
C PRO A 510 -27.95 -4.29 -13.62
N ARG A 511 -29.06 -3.78 -13.11
CA ARG A 511 -29.17 -2.36 -12.93
C ARG A 511 -28.45 -1.94 -11.66
N THR A 512 -28.30 -2.81 -10.69
CA THR A 512 -27.77 -2.37 -9.38
C THR A 512 -26.27 -2.64 -9.31
N MET A 513 -25.78 -3.66 -9.99
CA MET A 513 -24.40 -4.14 -9.80
C MET A 513 -23.48 -3.54 -10.88
N PRO A 514 -22.19 -3.27 -10.57
CA PRO A 514 -21.25 -2.85 -11.62
C PRO A 514 -21.16 -3.78 -12.78
N ALA A 515 -21.02 -3.21 -13.97
CA ALA A 515 -20.95 -3.96 -15.20
C ALA A 515 -19.85 -5.05 -15.21
N ALA A 516 -18.77 -4.78 -14.50
CA ALA A 516 -17.66 -5.75 -14.37
C ALA A 516 -18.03 -7.05 -13.66
N LEU A 517 -19.14 -7.08 -12.92
CA LEU A 517 -19.42 -8.27 -12.05
C LEU A 517 -20.32 -9.28 -12.74
N HIS A 518 -20.05 -10.56 -12.57
CA HIS A 518 -20.97 -11.56 -13.01
C HIS A 518 -22.13 -11.64 -12.00
N TRP A 519 -23.13 -10.80 -12.20
CA TRP A 519 -24.20 -10.68 -11.21
C TRP A 519 -24.99 -11.98 -11.10
N ASP A 520 -25.04 -12.73 -12.19
CA ASP A 520 -25.71 -14.00 -12.19
C ASP A 520 -25.10 -14.98 -11.18
N ARG A 521 -23.80 -15.00 -11.17
CA ARG A 521 -23.09 -15.95 -10.30
C ARG A 521 -23.16 -15.50 -8.83
N ILE A 522 -23.14 -14.21 -8.64
CA ILE A 522 -23.23 -13.59 -7.33
C ILE A 522 -24.59 -13.91 -6.73
N LEU A 523 -25.63 -13.82 -7.55
CA LEU A 523 -26.95 -14.16 -7.07
C LEU A 523 -27.01 -15.61 -6.64
N PHE A 524 -26.51 -16.50 -7.49
CA PHE A 524 -26.51 -17.93 -7.23
C PHE A 524 -25.75 -18.22 -5.92
N CYS A 525 -24.62 -17.58 -5.77
CA CYS A 525 -23.78 -17.78 -4.52
C CYS A 525 -24.55 -17.35 -3.24
N ALA A 526 -25.22 -16.20 -3.33
CA ALA A 526 -26.08 -15.76 -2.24
C ALA A 526 -27.28 -16.66 -1.93
N LYS A 527 -27.90 -17.21 -2.95
CA LYS A 527 -29.00 -18.13 -2.74
C LYS A 527 -28.54 -19.36 -1.92
N GLU A 528 -27.36 -19.84 -2.27
CA GLU A 528 -26.77 -21.04 -1.62
C GLU A 528 -26.42 -20.73 -0.19
N ALA A 529 -25.86 -19.52 0.07
CA ALA A 529 -25.54 -19.13 1.46
C ALA A 529 -26.83 -19.08 2.27
N THR A 530 -27.90 -18.66 1.59
CA THR A 530 -29.18 -18.49 2.26
C THR A 530 -29.68 -19.85 2.73
N TYR A 531 -29.68 -20.82 1.87
CA TYR A 531 -30.03 -22.17 2.26
C TYR A 531 -29.21 -22.70 3.47
N LYS A 532 -27.91 -22.46 3.48
CA LYS A 532 -27.06 -23.00 4.55
C LYS A 532 -27.38 -22.35 5.85
N ALA A 533 -27.76 -21.05 5.84
CA ALA A 533 -28.07 -20.38 7.08
C ALA A 533 -29.44 -20.85 7.56
N TRP A 534 -30.30 -21.06 6.61
CA TRP A 534 -31.70 -21.46 6.85
C TRP A 534 -31.90 -22.84 7.42
N PHE A 535 -31.29 -23.80 6.78
CA PHE A 535 -31.67 -25.19 7.05
C PHE A 535 -31.44 -25.66 8.52
N PRO A 536 -30.33 -25.27 9.16
CA PRO A 536 -30.17 -25.71 10.59
C PRO A 536 -31.29 -25.25 11.50
N LEU A 537 -31.95 -24.16 11.16
CA LEU A 537 -32.98 -23.61 12.02
C LEU A 537 -34.38 -24.01 11.62
N THR A 538 -34.57 -24.42 10.38
CA THR A 538 -35.92 -24.85 9.91
C THR A 538 -36.10 -26.35 9.67
N LYS A 539 -35.03 -27.02 9.24
CA LYS A 539 -35.01 -28.41 8.84
C LYS A 539 -35.95 -28.63 7.66
N ARG A 540 -36.14 -27.59 6.88
CA ARG A 540 -36.94 -27.65 5.66
C ARG A 540 -36.19 -27.23 4.42
N TRP A 541 -36.63 -27.78 3.28
CA TRP A 541 -36.14 -27.33 1.98
C TRP A 541 -36.46 -25.84 1.73
N LEU A 542 -35.54 -25.20 1.04
CA LEU A 542 -35.72 -23.87 0.51
C LEU A 542 -35.22 -23.90 -0.91
N GLY A 543 -36.15 -23.73 -1.89
CA GLY A 543 -35.76 -23.70 -3.28
C GLY A 543 -35.19 -22.37 -3.76
N PHE A 544 -34.60 -22.34 -4.94
CA PHE A 544 -34.07 -21.07 -5.45
C PHE A 544 -35.16 -20.02 -5.74
N GLU A 545 -36.34 -20.50 -6.05
CA GLU A 545 -37.46 -19.64 -6.36
C GLU A 545 -38.22 -19.24 -5.08
N ASP A 546 -37.78 -19.74 -3.91
CA ASP A 546 -38.48 -19.45 -2.64
C ASP A 546 -37.86 -18.28 -1.88
N ALA A 547 -36.84 -17.65 -2.48
CA ALA A 547 -36.26 -16.45 -1.97
C ALA A 547 -36.02 -15.38 -3.03
N HIS A 548 -36.35 -14.16 -2.65
CA HIS A 548 -36.17 -13.02 -3.51
C HIS A 548 -35.07 -12.20 -2.89
N ILE A 549 -33.94 -12.09 -3.62
CA ILE A 549 -32.75 -11.47 -3.05
C ILE A 549 -32.48 -10.14 -3.76
N THR A 550 -32.28 -9.10 -2.99
CA THR A 550 -31.96 -7.78 -3.49
C THR A 550 -30.61 -7.36 -2.95
N PHE A 551 -29.83 -6.74 -3.84
CA PHE A 551 -28.48 -6.31 -3.51
C PHE A 551 -28.25 -4.83 -3.45
N GLU A 552 -27.24 -4.38 -2.70
CA GLU A 552 -26.71 -3.01 -2.74
C GLU A 552 -25.20 -3.11 -2.86
N THR A 553 -24.58 -2.06 -3.35
CA THR A 553 -23.17 -2.10 -3.67
C THR A 553 -22.52 -1.02 -2.84
N ASP A 554 -21.44 -1.31 -2.14
CA ASP A 554 -20.64 -0.25 -1.48
C ASP A 554 -19.96 0.64 -2.53
N SER A 555 -19.40 1.74 -2.07
CA SER A 555 -18.85 2.70 -3.05
C SER A 555 -17.56 2.16 -3.69
N THR A 556 -17.00 1.09 -3.13
CA THR A 556 -15.84 0.43 -3.76
C THR A 556 -16.21 -0.27 -5.04
N GLY A 557 -17.48 -0.64 -5.24
CA GLY A 557 -17.86 -1.41 -6.42
C GLY A 557 -17.64 -2.91 -6.33
N TRP A 558 -16.95 -3.42 -5.29
CA TRP A 558 -16.59 -4.86 -5.27
C TRP A 558 -17.17 -5.60 -4.05
N THR A 559 -17.87 -4.91 -3.17
CA THR A 559 -18.45 -5.54 -1.98
C THR A 559 -19.80 -4.87 -1.74
N GLY A 560 -20.68 -5.54 -1.01
CA GLY A 560 -21.96 -4.95 -0.64
C GLY A 560 -22.77 -5.85 0.27
N ARG A 561 -24.05 -5.51 0.40
CA ARG A 561 -25.04 -6.23 1.21
C ARG A 561 -26.06 -6.86 0.31
N PHE A 562 -26.77 -7.84 0.87
CA PHE A 562 -27.97 -8.37 0.25
C PHE A 562 -28.96 -8.72 1.33
N VAL A 563 -30.22 -8.80 0.92
CA VAL A 563 -31.34 -9.23 1.80
C VAL A 563 -32.08 -10.24 1.03
N SER A 564 -32.27 -11.40 1.65
CA SER A 564 -33.05 -12.46 1.06
C SER A 564 -34.40 -12.49 1.72
N ARG A 565 -35.42 -12.26 0.95
CA ARG A 565 -36.81 -12.33 1.48
C ARG A 565 -37.42 -13.65 1.12
N ILE A 566 -37.91 -14.37 2.14
CA ILE A 566 -38.37 -15.73 2.00
C ILE A 566 -39.85 -15.71 1.65
N LEU A 567 -40.18 -16.39 0.57
CA LEU A 567 -41.52 -16.39 0.01
C LEU A 567 -42.43 -17.48 0.58
N ILE A 568 -41.87 -18.55 1.10
CA ILE A 568 -42.59 -19.64 1.72
C ILE A 568 -42.68 -19.43 3.27
N ASP A 569 -43.32 -20.36 3.98
CA ASP A 569 -43.37 -20.33 5.41
C ASP A 569 -41.96 -20.20 6.00
N GLY A 570 -41.72 -19.16 6.77
CA GLY A 570 -40.37 -18.91 7.39
C GLY A 570 -40.19 -19.38 8.83
N SER A 571 -41.20 -20.09 9.37
CA SER A 571 -41.14 -20.59 10.76
C SER A 571 -39.87 -21.37 11.05
N THR A 572 -39.30 -21.15 12.22
CA THR A 572 -38.16 -21.93 12.65
C THR A 572 -38.60 -22.84 13.74
N LEU A 573 -37.76 -23.82 14.07
CA LEU A 573 -38.18 -24.81 15.11
C LEU A 573 -38.27 -24.18 16.48
N SER A 574 -37.32 -23.35 16.82
CA SER A 574 -37.53 -22.44 17.92
C SER A 574 -37.09 -21.09 17.44
N GLY A 575 -37.52 -20.10 18.13
CA GLY A 575 -37.07 -18.78 17.84
C GLY A 575 -37.79 -18.07 16.71
N PRO A 576 -37.29 -16.87 16.42
CA PRO A 576 -37.94 -16.00 15.44
C PRO A 576 -37.92 -16.62 14.05
N PRO A 577 -38.91 -16.30 13.24
CA PRO A 577 -38.96 -16.86 11.92
C PRO A 577 -37.91 -16.20 11.02
N LEU A 578 -37.58 -16.87 9.91
CA LEU A 578 -36.61 -16.40 8.95
C LEU A 578 -37.41 -15.79 7.74
N THR A 579 -38.10 -14.69 7.98
CA THR A 579 -38.90 -14.05 6.97
C THR A 579 -37.93 -13.34 6.01
N THR A 580 -36.88 -12.75 6.55
CA THR A 580 -35.78 -12.20 5.77
C THR A 580 -34.45 -12.64 6.38
N LEU A 581 -33.40 -12.65 5.59
CA LEU A 581 -32.05 -12.93 6.07
C LEU A 581 -31.15 -11.86 5.38
N ARG A 582 -30.29 -11.24 6.15
CA ARG A 582 -29.36 -10.26 5.62
C ARG A 582 -27.97 -10.85 5.50
N GLY A 583 -27.26 -10.50 4.42
CA GLY A 583 -25.92 -10.99 4.18
C GLY A 583 -25.04 -9.95 3.55
N ARG A 584 -23.79 -10.34 3.30
CA ARG A 584 -22.82 -9.54 2.59
C ARG A 584 -22.18 -10.35 1.53
N TRP A 585 -21.70 -9.69 0.48
CA TRP A 585 -21.08 -10.33 -0.66
C TRP A 585 -19.79 -9.53 -0.98
N SER A 586 -18.86 -10.22 -1.68
CA SER A 586 -17.59 -9.63 -2.10
C SER A 586 -17.02 -10.42 -3.28
N VAL A 587 -16.43 -9.71 -4.24
CA VAL A 587 -15.72 -10.35 -5.31
C VAL A 587 -14.28 -9.87 -5.23
N GLU A 588 -13.39 -10.84 -5.17
CA GLU A 588 -11.97 -10.60 -4.90
C GLU A 588 -11.22 -11.89 -5.22
N ARG A 589 -10.04 -11.74 -5.82
CA ARG A 589 -9.17 -12.80 -6.20
C ARG A 589 -9.89 -13.83 -7.04
N GLY A 590 -10.74 -13.41 -7.97
CA GLY A 590 -11.33 -14.38 -8.90
C GLY A 590 -12.49 -15.16 -8.29
N LEU A 591 -12.90 -14.76 -7.09
CA LEU A 591 -13.96 -15.56 -6.38
C LEU A 591 -15.06 -14.64 -5.91
N VAL A 592 -16.24 -15.22 -5.74
CA VAL A 592 -17.34 -14.55 -5.05
C VAL A 592 -17.46 -15.21 -3.65
N LEU A 593 -17.51 -14.40 -2.60
CA LEU A 593 -17.76 -14.86 -1.26
C LEU A 593 -19.12 -14.21 -0.81
N THR A 594 -19.96 -14.99 -0.14
CA THR A 594 -21.13 -14.43 0.55
C THR A 594 -21.19 -15.04 1.94
N ALA A 595 -21.78 -14.31 2.85
CA ALA A 595 -21.99 -14.82 4.18
C ALA A 595 -23.23 -14.19 4.83
N ILE A 596 -23.88 -15.02 5.64
CA ILE A 596 -25.00 -14.62 6.50
C ILE A 596 -24.71 -15.09 7.90
N VAL A 597 -24.76 -14.16 8.84
CA VAL A 597 -24.64 -14.43 10.24
C VAL A 597 -25.92 -14.00 10.93
N LEU A 598 -26.68 -14.97 11.40
CA LEU A 598 -28.00 -14.76 12.02
C LEU A 598 -27.90 -14.81 13.53
N LYS B 2 17.20 21.66 0.31
CA LYS B 2 17.51 22.91 1.06
C LYS B 2 16.56 23.91 0.41
N ILE B 3 15.32 23.99 0.90
CA ILE B 3 14.43 25.10 0.58
C ILE B 3 14.71 26.19 1.60
N GLU B 4 14.97 27.41 1.16
CA GLU B 4 15.45 28.42 2.08
C GLU B 4 14.33 29.01 2.96
N GLU B 5 14.57 29.04 4.26
CA GLU B 5 13.60 29.61 5.19
C GLU B 5 13.63 31.13 5.10
N GLY B 6 12.49 31.79 5.27
CA GLY B 6 12.39 33.27 5.25
C GLY B 6 12.27 33.92 3.86
N LYS B 7 12.06 33.09 2.82
CA LYS B 7 11.95 33.49 1.39
C LYS B 7 10.82 32.70 0.77
N LEU B 8 10.23 33.17 -0.34
CA LEU B 8 9.33 32.30 -1.06
C LEU B 8 9.79 32.11 -2.48
N VAL B 9 9.83 30.85 -2.90
CA VAL B 9 10.02 30.53 -4.33
C VAL B 9 8.75 29.97 -4.89
N ILE B 10 8.36 30.48 -6.06
CA ILE B 10 7.11 30.11 -6.65
C ILE B 10 7.34 29.68 -8.08
N TRP B 11 6.75 28.58 -8.48
CA TRP B 11 6.81 28.12 -9.87
C TRP B 11 5.45 28.20 -10.51
N ILE B 12 5.40 28.69 -11.75
CA ILE B 12 4.13 28.83 -12.54
C ILE B 12 4.57 28.74 -14.02
N ASN B 13 3.67 28.28 -14.87
CA ASN B 13 4.02 27.97 -16.24
C ASN B 13 4.28 29.25 -17.05
N GLY B 14 5.16 29.10 -18.02
CA GLY B 14 5.63 30.23 -18.74
C GLY B 14 4.60 30.83 -19.67
N ASP B 15 3.46 30.17 -19.87
CA ASP B 15 2.37 30.75 -20.65
C ASP B 15 1.42 31.63 -19.78
N LYS B 16 1.66 31.70 -18.49
CA LYS B 16 0.78 32.44 -17.58
C LYS B 16 1.49 33.76 -17.16
N GLY B 17 0.76 34.52 -16.37
CA GLY B 17 1.14 35.88 -15.95
C GLY B 17 2.14 35.95 -14.82
N TYR B 18 3.32 35.40 -15.11
CA TYR B 18 4.36 35.25 -14.10
C TYR B 18 4.94 36.58 -13.68
N ASN B 19 4.98 37.55 -14.60
CA ASN B 19 5.37 38.93 -14.21
C ASN B 19 4.35 39.59 -13.30
N GLY B 20 3.08 39.40 -13.61
CA GLY B 20 2.02 39.91 -12.73
C GLY B 20 2.15 39.30 -11.35
N LEU B 21 2.49 38.02 -11.34
CA LEU B 21 2.59 37.33 -10.04
C LEU B 21 3.80 37.85 -9.33
N ALA B 22 4.85 38.15 -10.07
CA ALA B 22 6.06 38.74 -9.46
C ALA B 22 5.76 40.12 -8.86
N GLU B 23 4.81 40.84 -9.44
CA GLU B 23 4.35 42.15 -8.88
C GLU B 23 3.65 41.99 -7.58
N VAL B 24 2.80 40.96 -7.46
CA VAL B 24 2.21 40.67 -6.17
C VAL B 24 3.31 40.29 -5.16
N GLY B 25 4.26 39.49 -5.60
CA GLY B 25 5.44 39.19 -4.83
C GLY B 25 6.21 40.44 -4.27
N LYS B 26 6.42 41.44 -5.13
CA LYS B 26 7.16 42.67 -4.71
C LYS B 26 6.39 43.40 -3.64
N LYS B 27 5.07 43.37 -3.74
CA LYS B 27 4.22 44.01 -2.76
C LYS B 27 4.28 43.29 -1.40
N PHE B 28 4.27 41.95 -1.45
CA PHE B 28 4.49 41.16 -0.27
C PHE B 28 5.79 41.53 0.42
N GLU B 29 6.86 41.61 -0.37
CA GLU B 29 8.21 41.86 0.16
C GLU B 29 8.26 43.24 0.78
N LYS B 30 7.65 44.20 0.12
CA LYS B 30 7.50 45.54 0.63
C LYS B 30 6.75 45.59 1.97
N ASP B 31 5.66 44.85 2.09
CA ASP B 31 4.97 44.73 3.37
C ASP B 31 5.68 43.91 4.43
N THR B 32 6.35 42.85 4.06
CA THR B 32 6.74 41.88 5.05
C THR B 32 8.22 41.79 5.23
N GLY B 33 9.02 42.29 4.27
CA GLY B 33 10.43 41.99 4.20
C GLY B 33 10.79 40.63 3.61
N ILE B 34 9.82 39.82 3.25
CA ILE B 34 10.09 38.50 2.66
C ILE B 34 10.18 38.57 1.12
N LYS B 35 11.34 38.22 0.60
CA LYS B 35 11.56 38.18 -0.82
C LYS B 35 10.77 37.03 -1.47
N VAL B 36 10.20 37.33 -2.62
CA VAL B 36 9.46 36.34 -3.42
C VAL B 36 10.14 36.24 -4.78
N THR B 37 10.55 35.04 -5.14
CA THR B 37 11.08 34.79 -6.45
C THR B 37 10.13 33.92 -7.23
N VAL B 38 9.73 34.39 -8.40
CA VAL B 38 8.87 33.64 -9.31
C VAL B 38 9.67 33.08 -10.45
N GLU B 39 9.54 31.79 -10.72
CA GLU B 39 10.24 31.13 -11.84
C GLU B 39 9.24 30.35 -12.65
N HIS B 40 9.60 30.12 -13.91
CA HIS B 40 8.75 29.44 -14.86
C HIS B 40 9.53 28.38 -15.59
N PRO B 41 9.97 27.33 -14.86
CA PRO B 41 10.72 26.29 -15.57
C PRO B 41 9.92 25.59 -16.64
N ASP B 42 10.59 25.17 -17.70
CA ASP B 42 9.95 24.28 -18.71
C ASP B 42 9.48 22.93 -18.09
N LYS B 43 8.36 22.40 -18.51
CA LYS B 43 7.90 21.10 -18.04
C LYS B 43 7.75 21.07 -16.53
N LEU B 44 7.36 22.23 -15.96
CA LEU B 44 7.32 22.30 -14.48
CA LEU B 44 7.09 22.43 -14.55
C LEU B 44 6.33 21.28 -13.89
N GLU B 45 5.31 20.86 -14.61
CA GLU B 45 4.38 19.84 -14.10
C GLU B 45 5.07 18.48 -13.85
N GLU B 46 6.15 18.20 -14.58
CA GLU B 46 6.98 16.98 -14.41
C GLU B 46 8.13 17.28 -13.48
N LYS B 47 8.63 18.53 -13.48
CA LYS B 47 9.81 18.86 -12.69
C LYS B 47 9.45 18.99 -11.24
N PHE B 48 8.22 19.41 -10.92
CA PHE B 48 7.91 19.59 -9.51
C PHE B 48 8.12 18.29 -8.71
N PRO B 49 7.50 17.17 -9.12
CA PRO B 49 7.65 15.96 -8.34
C PRO B 49 9.07 15.47 -8.30
N GLN B 50 9.81 15.74 -9.39
CA GLN B 50 11.19 15.28 -9.53
C GLN B 50 12.05 15.90 -8.45
N VAL B 51 11.86 17.19 -8.18
CA VAL B 51 12.72 17.90 -7.22
C VAL B 51 12.10 17.85 -5.85
N ALA B 52 10.75 17.91 -5.78
CA ALA B 52 10.12 17.82 -4.43
C ALA B 52 10.39 16.50 -3.76
N ALA B 53 10.68 15.45 -4.52
CA ALA B 53 10.96 14.12 -3.95
C ALA B 53 12.20 14.15 -3.09
N THR B 54 13.05 15.15 -3.32
CA THR B 54 14.28 15.28 -2.55
C THR B 54 14.16 16.26 -1.44
N GLY B 55 12.96 16.80 -1.18
CA GLY B 55 12.80 17.86 -0.20
C GLY B 55 13.25 19.22 -0.70
N ASP B 56 13.35 19.36 -2.00
CA ASP B 56 13.69 20.65 -2.60
C ASP B 56 12.54 21.20 -3.48
N GLY B 57 12.83 22.22 -4.30
CA GLY B 57 11.80 22.76 -5.19
C GLY B 57 11.27 24.07 -4.69
N PRO B 58 10.16 24.54 -5.25
CA PRO B 58 9.56 25.78 -4.90
C PRO B 58 8.72 25.58 -3.64
N ASP B 59 8.51 26.67 -2.89
CA ASP B 59 7.54 26.68 -1.81
C ASP B 59 6.10 26.50 -2.29
N ILE B 60 5.80 27.10 -3.45
CA ILE B 60 4.50 27.06 -4.01
C ILE B 60 4.57 26.69 -5.47
N ILE B 61 3.64 25.85 -5.86
CA ILE B 61 3.57 25.28 -7.21
CA ILE B 61 3.60 25.38 -7.22
C ILE B 61 2.23 25.64 -7.79
N PHE B 62 2.23 26.31 -8.97
CA PHE B 62 0.99 26.57 -9.70
C PHE B 62 0.83 25.61 -10.90
N TRP B 63 -0.32 24.96 -10.98
CA TRP B 63 -0.67 24.19 -12.18
C TRP B 63 -2.18 23.95 -12.19
N ALA B 64 -2.73 23.53 -13.32
CA ALA B 64 -4.13 23.05 -13.32
C ALA B 64 -4.29 21.94 -12.28
N HIS B 65 -5.47 21.82 -11.71
CA HIS B 65 -5.70 20.91 -10.60
C HIS B 65 -5.49 19.41 -10.94
N ASP B 66 -5.46 19.03 -12.22
CA ASP B 66 -5.46 17.65 -12.63
C ASP B 66 -4.22 16.92 -12.22
N ARG B 67 -3.09 17.64 -12.04
CA ARG B 67 -1.85 17.04 -11.65
C ARG B 67 -1.76 16.77 -10.15
N PHE B 68 -2.62 17.44 -9.36
CA PHE B 68 -2.39 17.53 -7.93
C PHE B 68 -2.68 16.25 -7.15
N GLY B 69 -3.60 15.42 -7.65
CA GLY B 69 -3.80 14.07 -7.04
C GLY B 69 -2.54 13.23 -7.08
N GLY B 70 -1.89 13.26 -8.22
CA GLY B 70 -0.61 12.54 -8.34
C GLY B 70 0.43 13.08 -7.39
N TYR B 71 0.44 14.40 -7.20
CA TYR B 71 1.41 15.02 -6.23
C TYR B 71 1.08 14.59 -4.76
N ALA B 72 -0.20 14.62 -4.44
CA ALA B 72 -0.69 14.28 -3.07
C ALA B 72 -0.44 12.79 -2.72
N GLN B 73 -0.61 11.97 -3.71
CA GLN B 73 -0.39 10.54 -3.57
C GLN B 73 1.04 10.24 -3.19
N SER B 74 1.99 10.99 -3.76
CA SER B 74 3.36 10.82 -3.37
C SER B 74 3.79 11.66 -2.17
N GLY B 75 2.88 12.28 -1.43
CA GLY B 75 3.20 13.00 -0.26
C GLY B 75 3.91 14.33 -0.47
N LEU B 76 3.75 14.93 -1.65
CA LEU B 76 4.50 16.15 -2.01
C LEU B 76 3.85 17.47 -1.60
N LEU B 77 2.60 17.45 -1.20
CA LEU B 77 1.83 18.67 -0.88
C LEU B 77 1.41 18.76 0.61
N ALA B 78 1.47 19.95 1.19
CA ALA B 78 0.87 20.19 2.50
C ALA B 78 -0.60 20.29 2.37
N GLU B 79 -1.33 19.83 3.38
CA GLU B 79 -2.75 20.09 3.45
C GLU B 79 -2.96 21.56 3.73
N ILE B 80 -3.93 22.21 3.11
CA ILE B 80 -4.05 23.62 3.35
C ILE B 80 -5.17 23.80 4.39
N THR B 81 -5.20 24.92 5.11
CA THR B 81 -6.06 25.05 6.27
C THR B 81 -6.84 26.36 6.25
N PRO B 82 -7.56 26.66 5.16
CA PRO B 82 -8.19 27.99 5.20
C PRO B 82 -9.36 27.91 6.14
N ASP B 83 -9.69 29.00 6.83
CA ASP B 83 -10.87 28.95 7.71
C ASP B 83 -12.13 29.12 6.88
N LYS B 84 -13.27 28.96 7.54
CA LYS B 84 -14.54 29.00 6.85
C LYS B 84 -14.80 30.37 6.16
N ALA B 85 -14.35 31.46 6.79
CA ALA B 85 -14.61 32.77 6.20
C ALA B 85 -13.86 32.87 4.84
N PHE B 86 -12.63 32.34 4.82
CA PHE B 86 -11.84 32.36 3.57
C PHE B 86 -12.50 31.48 2.51
N GLN B 87 -12.93 30.29 2.90
CA GLN B 87 -13.57 29.44 1.91
C GLN B 87 -14.80 29.99 1.30
N ASP B 88 -15.60 30.70 2.08
CA ASP B 88 -16.79 31.33 1.51
C ASP B 88 -16.43 32.39 0.47
N LYS B 89 -15.19 32.85 0.43
CA LYS B 89 -14.82 33.86 -0.62
C LYS B 89 -14.68 33.30 -2.04
N LEU B 90 -14.53 31.98 -2.17
CA LEU B 90 -14.35 31.33 -3.50
C LEU B 90 -15.49 30.44 -3.81
N TYR B 91 -15.70 30.17 -5.09
CA TYR B 91 -16.80 29.34 -5.48
C TYR B 91 -16.63 27.88 -5.02
N PRO B 92 -17.71 27.28 -4.49
CA PRO B 92 -17.59 25.91 -3.98
C PRO B 92 -17.04 24.86 -4.96
N PHE B 93 -17.45 24.94 -6.19
CA PHE B 93 -16.99 23.95 -7.15
C PHE B 93 -15.48 24.05 -7.37
N THR B 94 -14.88 25.20 -7.05
CA THR B 94 -13.43 25.37 -7.23
C THR B 94 -12.71 24.65 -6.10
N TRP B 95 -13.21 24.74 -4.88
CA TRP B 95 -12.70 23.87 -3.82
C TRP B 95 -12.84 22.38 -4.14
N ASP B 96 -13.94 22.01 -4.77
CA ASP B 96 -14.13 20.57 -5.12
C ASP B 96 -12.95 20.09 -5.98
N ALA B 97 -12.50 20.93 -6.90
CA ALA B 97 -11.43 20.54 -7.80
C ALA B 97 -10.09 20.29 -7.09
N VAL B 98 -9.92 20.89 -5.92
CA VAL B 98 -8.68 20.74 -5.16
C VAL B 98 -8.76 19.87 -3.92
N ARG B 99 -9.84 19.08 -3.84
CA ARG B 99 -10.04 18.17 -2.72
C ARG B 99 -9.65 16.76 -3.16
N TYR B 100 -8.75 16.14 -2.44
CA TYR B 100 -8.29 14.84 -2.80
C TYR B 100 -8.36 13.97 -1.54
N ASN B 101 -9.11 12.87 -1.65
CA ASN B 101 -9.34 11.98 -0.50
C ASN B 101 -9.80 12.76 0.70
N GLY B 102 -10.80 13.58 0.48
CA GLY B 102 -11.39 14.48 1.51
C GLY B 102 -10.57 15.64 2.03
N LYS B 103 -9.31 15.81 1.59
CA LYS B 103 -8.46 16.89 2.09
C LYS B 103 -8.26 17.98 0.99
N LEU B 104 -8.23 19.22 1.40
CA LEU B 104 -7.88 20.31 0.46
C LEU B 104 -6.39 20.33 0.29
N ILE B 105 -5.96 20.23 -0.96
CA ILE B 105 -4.51 20.13 -1.22
C ILE B 105 -3.89 21.29 -2.04
N ALA B 106 -4.68 22.32 -2.33
CA ALA B 106 -4.24 23.50 -3.07
C ALA B 106 -5.29 24.60 -2.90
N TYR B 107 -4.88 25.81 -3.14
CA TYR B 107 -5.86 26.89 -3.34
C TYR B 107 -6.23 27.05 -4.80
N PRO B 108 -7.53 27.09 -5.10
CA PRO B 108 -7.99 27.32 -6.45
C PRO B 108 -7.85 28.81 -6.80
N ILE B 109 -7.49 29.06 -8.05
CA ILE B 109 -7.22 30.41 -8.51
C ILE B 109 -8.19 30.80 -9.59
N ALA B 110 -8.31 29.99 -10.65
CA ALA B 110 -9.10 30.35 -11.80
C ALA B 110 -9.49 29.19 -12.66
N VAL B 111 -10.62 29.36 -13.32
CA VAL B 111 -11.14 28.40 -14.22
C VAL B 111 -10.76 28.70 -15.66
N GLU B 112 -10.17 27.69 -16.29
CA GLU B 112 -9.61 27.75 -17.64
C GLU B 112 -10.34 26.80 -18.54
N ALA B 113 -10.80 27.34 -19.66
CA ALA B 113 -11.18 26.53 -20.79
C ALA B 113 -10.77 27.13 -22.09
N LEU B 114 -10.57 26.26 -23.05
CA LEU B 114 -10.22 26.65 -24.42
C LEU B 114 -11.45 27.20 -25.12
N SER B 115 -11.22 28.20 -25.97
CA SER B 115 -12.22 28.75 -26.86
C SER B 115 -11.65 28.86 -28.23
N LEU B 116 -12.54 29.11 -29.19
CA LEU B 116 -12.14 29.38 -30.57
C LEU B 116 -11.91 30.89 -30.61
N ILE B 117 -10.71 31.23 -31.09
CA ILE B 117 -10.25 32.61 -31.23
C ILE B 117 -10.10 32.90 -32.70
N TYR B 118 -10.70 34.02 -33.11
CA TYR B 118 -10.77 34.34 -34.55
C TYR B 118 -10.46 35.80 -34.86
N ASN B 119 -9.92 35.97 -36.04
CA ASN B 119 -9.58 37.27 -36.59
C ASN B 119 -10.82 37.86 -37.31
N LYS B 120 -11.40 38.86 -36.69
CA LYS B 120 -12.64 39.50 -37.18
C LYS B 120 -12.51 40.14 -38.55
N ASP B 121 -11.32 40.60 -38.90
CA ASP B 121 -11.12 41.17 -40.26
C ASP B 121 -11.01 40.07 -41.29
N LEU B 122 -10.41 38.93 -40.98
CA LEU B 122 -10.35 37.86 -41.96
C LEU B 122 -11.60 37.07 -42.01
N LEU B 123 -12.39 37.09 -40.95
CA LEU B 123 -13.44 36.09 -40.79
C LEU B 123 -14.48 36.64 -39.83
N PRO B 124 -15.37 37.45 -40.36
CA PRO B 124 -16.27 38.06 -39.41
C PRO B 124 -17.35 37.09 -38.89
N ASN B 125 -17.59 36.00 -39.61
CA ASN B 125 -18.56 34.99 -39.18
C ASN B 125 -17.84 33.65 -39.03
N PRO B 126 -17.27 33.40 -37.84
CA PRO B 126 -16.58 32.14 -37.74
C PRO B 126 -17.57 30.95 -37.84
N PRO B 127 -17.08 29.82 -38.28
CA PRO B 127 -17.82 28.58 -38.52
C PRO B 127 -18.33 27.95 -37.27
N LYS B 128 -19.54 27.39 -37.34
CA LYS B 128 -20.17 26.77 -36.19
C LYS B 128 -19.75 25.32 -36.07
N THR B 129 -19.21 24.76 -37.13
CA THR B 129 -18.89 23.34 -37.24
C THR B 129 -17.50 23.09 -37.68
N TRP B 130 -16.95 21.96 -37.22
CA TRP B 130 -15.66 21.58 -37.66
C TRP B 130 -15.70 21.20 -39.13
N GLU B 131 -16.84 20.68 -39.55
CA GLU B 131 -16.97 20.15 -40.92
C GLU B 131 -16.82 21.22 -42.00
N GLU B 132 -17.11 22.47 -41.68
CA GLU B 132 -16.91 23.55 -42.64
C GLU B 132 -15.49 24.02 -42.80
N ILE B 133 -14.58 23.54 -41.97
CA ILE B 133 -13.24 24.15 -41.96
C ILE B 133 -12.40 23.80 -43.20
N PRO B 134 -12.57 22.58 -43.78
CA PRO B 134 -11.77 22.34 -44.98
C PRO B 134 -12.13 23.32 -46.12
N ALA B 135 -13.40 23.54 -46.34
CA ALA B 135 -13.83 24.47 -47.35
C ALA B 135 -13.34 25.90 -47.06
N LEU B 136 -13.46 26.34 -45.83
CA LEU B 136 -12.99 27.70 -45.44
C LEU B 136 -11.48 27.85 -45.72
N ASP B 137 -10.70 26.81 -45.40
CA ASP B 137 -9.28 26.85 -45.58
C ASP B 137 -8.96 27.04 -47.05
N LYS B 138 -9.67 26.29 -47.89
CA LYS B 138 -9.47 26.33 -49.35
C LYS B 138 -9.68 27.76 -49.84
N GLU B 139 -10.75 28.36 -49.40
CA GLU B 139 -10.99 29.75 -49.69
C GLU B 139 -9.89 30.70 -49.22
N LEU B 140 -9.43 30.55 -47.98
CA LEU B 140 -8.40 31.42 -47.46
C LEU B 140 -7.04 31.17 -48.10
N LYS B 141 -6.75 29.93 -48.46
CA LYS B 141 -5.45 29.58 -49.04
C LYS B 141 -5.30 30.33 -50.36
N ALA B 142 -6.42 30.56 -51.03
CA ALA B 142 -6.44 31.33 -52.28
C ALA B 142 -6.01 32.77 -52.02
N LYS B 143 -6.01 33.23 -50.77
CA LYS B 143 -5.60 34.60 -50.45
C LYS B 143 -4.29 34.61 -49.69
N GLY B 144 -3.53 33.53 -49.78
CA GLY B 144 -2.29 33.41 -49.06
C GLY B 144 -2.44 33.14 -47.56
N LYS B 145 -3.61 32.67 -47.13
CA LYS B 145 -3.85 32.43 -45.69
C LYS B 145 -4.27 30.99 -45.33
N SER B 146 -4.54 30.76 -44.04
CA SER B 146 -5.08 29.45 -43.65
C SER B 146 -6.26 29.69 -42.72
N ALA B 147 -7.06 28.65 -42.54
CA ALA B 147 -8.26 28.78 -41.73
C ALA B 147 -7.92 28.67 -40.21
N LEU B 148 -7.10 27.69 -39.85
CA LEU B 148 -6.90 27.32 -38.44
C LEU B 148 -5.52 26.82 -38.13
N MET B 149 -4.91 27.35 -37.07
CA MET B 149 -3.73 26.72 -36.55
C MET B 149 -3.77 26.70 -35.05
N PHE B 150 -3.45 25.54 -34.48
CA PHE B 150 -3.34 25.38 -33.01
C PHE B 150 -2.32 24.30 -32.63
N ASN B 151 -1.95 24.27 -31.37
CA ASN B 151 -0.93 23.39 -30.91
C ASN B 151 -1.35 21.94 -31.06
N LEU B 152 -0.67 21.18 -31.93
CA LEU B 152 -0.99 19.75 -32.05
C LEU B 152 -0.05 18.88 -31.24
N GLN B 153 0.86 19.49 -30.51
CA GLN B 153 1.83 18.75 -29.72
C GLN B 153 1.32 18.39 -28.35
N GLU B 154 0.34 19.15 -27.84
CA GLU B 154 -0.22 18.87 -26.53
C GLU B 154 -1.65 18.43 -26.67
N PRO B 155 -1.99 17.24 -26.13
CA PRO B 155 -3.31 16.67 -26.32
C PRO B 155 -4.46 17.51 -25.68
N TYR B 156 -4.13 18.41 -24.77
CA TYR B 156 -5.11 19.36 -24.26
C TYR B 156 -5.90 20.06 -25.37
N PHE B 157 -5.21 20.45 -26.41
CA PHE B 157 -5.84 21.22 -27.50
C PHE B 157 -6.67 20.44 -28.45
N THR B 158 -6.35 19.16 -28.61
CA THR B 158 -7.10 18.28 -29.52
CA THR B 158 -7.08 18.27 -29.51
C THR B 158 -8.23 17.52 -28.79
N TRP B 159 -8.08 17.36 -27.48
CA TRP B 159 -9.16 16.72 -26.65
C TRP B 159 -10.60 17.19 -26.93
N PRO B 160 -10.81 18.51 -27.04
CA PRO B 160 -12.21 18.95 -27.24
C PRO B 160 -12.90 18.26 -28.47
N LEU B 161 -12.13 18.05 -29.53
CA LEU B 161 -12.64 17.40 -30.73
C LEU B 161 -12.76 15.87 -30.52
N ILE B 162 -11.83 15.28 -29.80
CA ILE B 162 -11.85 13.84 -29.52
C ILE B 162 -13.08 13.51 -28.67
N ALA B 163 -13.37 14.36 -27.70
CA ALA B 163 -14.48 14.11 -26.82
C ALA B 163 -15.84 14.51 -27.44
N ALA B 164 -15.83 15.30 -28.49
CA ALA B 164 -17.09 15.89 -29.04
C ALA B 164 -18.19 14.83 -29.24
N ASP B 165 -17.79 13.81 -29.96
CA ASP B 165 -18.73 12.78 -30.29
C ASP B 165 -18.64 11.50 -29.42
N GLY B 166 -18.03 11.58 -28.27
CA GLY B 166 -18.18 10.52 -27.27
C GLY B 166 -16.88 9.99 -26.65
N GLY B 167 -15.72 10.47 -27.09
CA GLY B 167 -14.46 10.18 -26.37
C GLY B 167 -14.53 10.61 -24.92
N TYR B 168 -13.96 9.83 -24.01
CA TYR B 168 -13.84 10.26 -22.63
C TYR B 168 -12.57 9.62 -22.07
N ALA B 169 -12.16 10.12 -20.91
CA ALA B 169 -10.99 9.62 -20.25
C ALA B 169 -11.35 8.49 -19.34
N PHE B 170 -11.84 8.78 -18.14
CA PHE B 170 -12.26 7.72 -17.22
C PHE B 170 -13.75 7.86 -16.96
N LYS B 171 -14.48 6.78 -17.15
CA LYS B 171 -15.97 6.81 -16.95
C LYS B 171 -16.34 7.21 -15.54
N TYR B 172 -17.24 8.17 -15.35
CA TYR B 172 -17.52 8.61 -13.98
C TYR B 172 -18.74 7.85 -13.42
N GLY B 175 -20.68 7.22 -8.63
CA GLY B 175 -20.07 8.18 -7.68
C GLY B 175 -18.54 8.40 -7.77
N LYS B 176 -17.84 7.58 -8.53
CA LYS B 176 -16.39 7.74 -8.68
C LYS B 176 -15.98 7.51 -10.12
N TYR B 177 -14.75 7.82 -10.43
CA TYR B 177 -14.12 7.45 -11.71
C TYR B 177 -13.77 5.99 -11.73
N ASP B 178 -14.13 5.30 -12.79
CA ASP B 178 -13.68 3.92 -13.01
C ASP B 178 -12.42 3.85 -13.87
N ILE B 179 -11.26 3.55 -13.26
CA ILE B 179 -10.00 3.58 -14.00
C ILE B 179 -9.83 2.42 -14.93
N LYS B 180 -10.74 1.46 -14.84
CA LYS B 180 -10.78 0.34 -15.72
C LYS B 180 -11.61 0.63 -16.99
N ASP B 181 -12.41 1.70 -17.03
CA ASP B 181 -13.26 1.98 -18.17
C ASP B 181 -12.71 3.25 -18.84
N VAL B 182 -11.85 3.08 -19.85
CA VAL B 182 -11.16 4.18 -20.50
C VAL B 182 -11.84 4.44 -21.84
N GLY B 183 -12.05 5.68 -22.22
CA GLY B 183 -12.91 5.98 -23.42
C GLY B 183 -12.15 6.54 -24.57
N VAL B 184 -10.82 6.29 -24.61
CA VAL B 184 -10.01 6.97 -25.62
C VAL B 184 -10.03 6.22 -26.96
N ASP B 185 -10.61 5.03 -26.97
CA ASP B 185 -10.58 4.18 -28.15
C ASP B 185 -11.99 3.78 -28.60
N ASN B 186 -13.01 4.47 -28.15
CA ASN B 186 -14.35 4.21 -28.67
C ASN B 186 -14.60 4.93 -30.00
N ALA B 187 -15.81 4.74 -30.53
CA ALA B 187 -16.14 5.23 -31.87
C ALA B 187 -16.11 6.77 -31.91
N GLY B 188 -16.59 7.45 -30.88
CA GLY B 188 -16.47 8.93 -30.88
C GLY B 188 -15.03 9.47 -30.95
N ALA B 189 -14.15 8.90 -30.13
CA ALA B 189 -12.77 9.30 -30.09
C ALA B 189 -12.11 9.08 -31.44
N LYS B 190 -12.38 7.94 -32.05
CA LYS B 190 -11.76 7.63 -33.35
C LYS B 190 -12.33 8.54 -34.40
N ALA B 191 -13.59 8.88 -34.29
CA ALA B 191 -14.14 9.83 -35.27
C ALA B 191 -13.45 11.19 -35.20
N GLY B 192 -13.29 11.72 -33.99
CA GLY B 192 -12.61 12.99 -33.80
C GLY B 192 -11.19 13.01 -34.28
N LEU B 193 -10.42 11.99 -33.88
CA LEU B 193 -9.05 11.98 -34.24
C LEU B 193 -8.87 11.75 -35.73
N THR B 194 -9.74 10.95 -36.31
CA THR B 194 -9.72 10.76 -37.77
C THR B 194 -10.00 12.08 -38.47
N PHE B 195 -10.91 12.88 -37.96
CA PHE B 195 -11.12 14.16 -38.58
C PHE B 195 -9.86 14.97 -38.55
N LEU B 196 -9.23 15.02 -37.39
CA LEU B 196 -8.03 15.80 -37.30
C LEU B 196 -6.93 15.31 -38.26
N VAL B 197 -6.77 14.00 -38.40
CA VAL B 197 -5.69 13.45 -39.24
C VAL B 197 -6.00 13.77 -40.69
N ASP B 198 -7.29 13.71 -41.03
CA ASP B 198 -7.75 14.06 -42.37
C ASP B 198 -7.47 15.54 -42.69
N LEU B 199 -7.65 16.45 -41.72
CA LEU B 199 -7.28 17.83 -41.94
C LEU B 199 -5.84 17.94 -42.37
N ILE B 200 -4.99 17.15 -41.73
CA ILE B 200 -3.58 17.19 -41.99
C ILE B 200 -3.23 16.53 -43.34
N LYS B 201 -3.80 15.37 -43.61
CA LYS B 201 -3.59 14.73 -44.88
C LYS B 201 -4.00 15.62 -46.04
N ASN B 202 -5.08 16.37 -45.88
CA ASN B 202 -5.58 17.26 -46.91
C ASN B 202 -4.91 18.63 -46.90
N LYS B 203 -3.83 18.76 -46.14
CA LYS B 203 -3.00 19.96 -46.10
C LYS B 203 -3.72 21.18 -45.58
N HIS B 204 -4.74 21.01 -44.76
CA HIS B 204 -5.32 22.11 -44.02
C HIS B 204 -4.59 22.42 -42.70
N MET B 205 -3.84 21.47 -42.17
CA MET B 205 -2.98 21.76 -41.03
C MET B 205 -1.75 20.94 -41.18
N ASN B 206 -0.74 21.32 -40.43
CA ASN B 206 0.58 20.67 -40.42
C ASN B 206 0.86 20.03 -39.06
N ALA B 207 1.27 18.75 -39.09
CA ALA B 207 1.52 17.94 -37.89
C ALA B 207 2.56 18.52 -36.95
N ASP B 208 3.49 19.29 -37.50
CA ASP B 208 4.53 19.92 -36.69
C ASP B 208 4.06 21.16 -35.93
N THR B 209 2.84 21.60 -36.15
CA THR B 209 2.46 22.89 -35.55
C THR B 209 2.44 22.73 -34.04
N ASP B 210 3.16 23.62 -33.37
CA ASP B 210 3.15 23.67 -31.93
C ASP B 210 2.60 24.99 -31.40
N TYR B 211 2.73 25.24 -30.09
CA TYR B 211 2.18 26.42 -29.49
C TYR B 211 2.75 27.74 -30.11
N SER B 212 4.07 27.83 -30.24
CA SER B 212 4.68 29.12 -30.70
C SER B 212 4.40 29.35 -32.14
N ILE B 213 4.38 28.27 -32.90
CA ILE B 213 4.11 28.39 -34.32
C ILE B 213 2.67 28.91 -34.53
N ALA B 214 1.67 28.29 -33.86
CA ALA B 214 0.28 28.72 -34.03
C ALA B 214 0.05 30.15 -33.51
N GLU B 215 0.66 30.47 -32.37
CA GLU B 215 0.53 31.76 -31.78
C GLU B 215 1.09 32.83 -32.73
N ALA B 216 2.31 32.59 -33.20
CA ALA B 216 2.92 33.53 -34.12
C ALA B 216 2.07 33.75 -35.36
N ALA B 217 1.61 32.66 -35.98
CA ALA B 217 0.81 32.81 -37.16
C ALA B 217 -0.50 33.61 -36.93
N PHE B 218 -1.22 33.27 -35.86
CA PHE B 218 -2.43 33.99 -35.59
C PHE B 218 -2.15 35.46 -35.29
N ASN B 219 -1.12 35.75 -34.49
CA ASN B 219 -0.93 37.12 -34.08
C ASN B 219 -0.34 37.95 -35.18
N LYS B 220 0.25 37.30 -36.20
CA LYS B 220 0.71 38.01 -37.41
C LYS B 220 -0.37 38.08 -38.47
N GLY B 221 -1.56 37.55 -38.21
CA GLY B 221 -2.65 37.66 -39.20
C GLY B 221 -2.51 36.73 -40.37
N GLU B 222 -1.77 35.63 -40.23
CA GLU B 222 -1.62 34.65 -41.28
C GLU B 222 -2.70 33.57 -41.28
N THR B 223 -3.28 33.28 -40.11
CA THR B 223 -4.34 32.28 -39.98
C THR B 223 -5.57 32.93 -39.37
N ALA B 224 -6.76 32.55 -39.81
CA ALA B 224 -7.97 33.19 -39.33
C ALA B 224 -8.47 32.75 -37.95
N MET B 225 -8.03 31.57 -37.51
CA MET B 225 -8.51 31.02 -36.21
C MET B 225 -7.38 30.32 -35.49
N THR B 226 -7.50 30.31 -34.18
CA THR B 226 -6.66 29.38 -33.39
C THR B 226 -7.55 28.89 -32.25
N ILE B 227 -7.01 28.00 -31.44
CA ILE B 227 -7.70 27.47 -30.28
C ILE B 227 -6.72 27.66 -29.11
N ASN B 228 -7.18 28.41 -28.12
CA ASN B 228 -6.31 28.71 -26.99
C ASN B 228 -7.11 29.17 -25.78
N GLY B 229 -6.43 29.31 -24.64
CA GLY B 229 -7.06 29.72 -23.41
C GLY B 229 -6.90 31.21 -23.15
N PRO B 230 -7.44 31.68 -22.05
CA PRO B 230 -7.46 33.12 -21.73
C PRO B 230 -6.06 33.76 -21.60
N TRP B 231 -5.10 32.94 -21.21
CA TRP B 231 -3.71 33.46 -21.01
C TRP B 231 -3.18 34.06 -22.34
N ALA B 232 -3.69 33.54 -23.44
CA ALA B 232 -3.23 33.97 -24.79
C ALA B 232 -3.69 35.36 -25.21
N TRP B 233 -4.76 35.85 -24.58
CA TRP B 233 -5.39 37.11 -25.02
C TRP B 233 -4.46 38.32 -25.01
N SER B 234 -3.55 38.44 -24.04
CA SER B 234 -2.82 39.72 -23.92
C SER B 234 -1.81 39.89 -25.04
N ASN B 235 -1.28 38.81 -25.53
CA ASN B 235 -0.37 38.89 -26.65
C ASN B 235 -1.11 39.30 -27.92
N ILE B 236 -2.36 38.90 -28.01
CA ILE B 236 -3.17 39.19 -29.18
C ILE B 236 -3.62 40.69 -29.07
N ASP B 237 -3.91 41.19 -27.88
CA ASP B 237 -4.19 42.58 -27.63
C ASP B 237 -3.02 43.45 -28.18
N THR B 238 -1.78 43.04 -27.89
CA THR B 238 -0.64 43.83 -28.29
C THR B 238 -0.41 43.77 -29.78
N SER B 239 -0.76 42.65 -30.44
CA SER B 239 -0.72 42.58 -31.89
C SER B 239 -1.76 43.48 -32.52
N LYS B 240 -1.61 43.70 -33.82
CA LYS B 240 -2.59 44.44 -34.61
C LYS B 240 -3.89 43.70 -34.89
N VAL B 241 -3.97 42.41 -34.59
CA VAL B 241 -5.14 41.66 -34.91
C VAL B 241 -6.34 42.08 -34.07
N ASN B 242 -7.50 42.23 -34.73
CA ASN B 242 -8.80 42.45 -34.06
CA ASN B 242 -8.77 42.45 -34.04
C ASN B 242 -9.44 41.07 -33.93
N TYR B 243 -9.60 40.61 -32.69
CA TYR B 243 -9.97 39.21 -32.47
C TYR B 243 -11.25 39.10 -31.70
N GLY B 244 -11.95 38.00 -31.90
CA GLY B 244 -13.07 37.65 -31.02
C GLY B 244 -12.79 36.25 -30.41
N VAL B 245 -13.58 35.92 -29.39
CA VAL B 245 -13.43 34.67 -28.65
C VAL B 245 -14.84 34.08 -28.63
N THR B 246 -14.99 32.83 -29.03
CA THR B 246 -16.35 32.29 -29.17
C THR B 246 -16.39 30.83 -28.86
N VAL B 247 -17.56 30.25 -29.05
CA VAL B 247 -17.80 28.84 -28.79
C VAL B 247 -17.04 27.99 -29.78
N LEU B 248 -16.47 26.89 -29.32
CA LEU B 248 -15.78 26.04 -30.21
C LEU B 248 -16.80 25.44 -31.23
N PRO B 249 -16.31 24.99 -32.40
CA PRO B 249 -17.24 24.43 -33.37
C PRO B 249 -17.70 23.06 -32.92
N THR B 250 -18.86 22.68 -33.45
CA THR B 250 -19.43 21.40 -33.18
C THR B 250 -18.81 20.40 -34.10
N PHE B 251 -18.92 19.12 -33.73
CA PHE B 251 -18.46 18.01 -34.57
C PHE B 251 -19.56 16.93 -34.55
N LYS B 252 -19.96 16.50 -35.75
CA LYS B 252 -21.15 15.59 -35.87
C LYS B 252 -22.33 16.08 -35.08
N GLY B 253 -22.50 17.38 -35.06
CA GLY B 253 -23.59 18.03 -34.36
C GLY B 253 -23.51 18.18 -32.86
N GLN B 254 -22.40 17.75 -32.23
CA GLN B 254 -22.24 17.74 -30.78
C GLN B 254 -21.22 18.82 -30.47
N PRO B 255 -21.35 19.46 -29.32
CA PRO B 255 -20.39 20.51 -28.96
C PRO B 255 -19.01 19.93 -28.73
N SER B 256 -17.97 20.68 -29.05
CA SER B 256 -16.64 20.34 -28.57
C SER B 256 -16.65 20.42 -27.03
N LYS B 257 -15.89 19.52 -26.39
CA LYS B 257 -15.97 19.34 -24.95
C LYS B 257 -14.55 19.42 -24.39
N PRO B 258 -14.09 20.65 -24.18
CA PRO B 258 -12.73 20.78 -23.60
C PRO B 258 -12.67 20.25 -22.18
N PHE B 259 -11.49 19.78 -21.80
CA PHE B 259 -11.28 19.40 -20.44
C PHE B 259 -10.94 20.70 -19.74
N VAL B 260 -11.65 20.99 -18.67
CA VAL B 260 -11.54 22.24 -17.93
C VAL B 260 -10.57 22.13 -16.73
N GLY B 261 -9.64 23.07 -16.67
CA GLY B 261 -8.68 23.08 -15.59
C GLY B 261 -9.00 24.17 -14.60
N VAL B 262 -8.73 23.95 -13.31
CA VAL B 262 -8.73 25.01 -12.34
C VAL B 262 -7.28 25.25 -11.98
N LEU B 263 -6.75 26.39 -12.43
CA LEU B 263 -5.38 26.80 -11.98
C LEU B 263 -5.37 26.80 -10.46
N SER B 264 -4.38 26.17 -9.84
CA SER B 264 -4.34 25.99 -8.41
C SER B 264 -2.95 26.17 -7.89
N ALA B 265 -2.86 26.52 -6.62
CA ALA B 265 -1.56 26.80 -5.99
C ALA B 265 -1.39 25.87 -4.82
N GLY B 266 -0.44 24.93 -4.93
CA GLY B 266 -0.12 24.06 -3.83
C GLY B 266 1.10 24.45 -3.06
N ILE B 267 1.15 24.00 -1.80
CA ILE B 267 2.28 24.23 -0.93
C ILE B 267 3.15 22.98 -0.78
N ASN B 268 4.44 23.11 -1.09
CA ASN B 268 5.42 22.02 -1.04
C ASN B 268 5.41 21.49 0.44
N ALA B 269 5.20 20.18 0.57
CA ALA B 269 5.20 19.54 1.92
C ALA B 269 6.53 19.72 2.62
N ALA B 270 7.60 19.93 1.87
CA ALA B 270 8.94 20.17 2.47
C ALA B 270 9.26 21.64 2.73
N SER B 271 8.35 22.55 2.42
CA SER B 271 8.59 23.97 2.68
C SER B 271 8.69 24.27 4.17
N PRO B 272 9.73 24.95 4.56
CA PRO B 272 9.77 25.50 5.93
C PRO B 272 9.01 26.84 6.04
N ASN B 273 8.32 27.24 4.98
CA ASN B 273 7.67 28.54 4.93
C ASN B 273 6.19 28.41 4.71
N LYS B 274 5.56 27.41 5.32
CA LYS B 274 4.20 27.15 5.02
C LYS B 274 3.29 28.31 5.45
N GLU B 275 3.53 28.93 6.60
CA GLU B 275 2.69 30.03 7.01
C GLU B 275 2.90 31.29 6.17
N LEU B 276 4.13 31.59 5.72
CA LEU B 276 4.36 32.67 4.76
C LEU B 276 3.61 32.41 3.43
N ALA B 277 3.54 31.13 3.03
CA ALA B 277 2.86 30.82 1.80
C ALA B 277 1.38 31.03 1.89
N LYS B 278 0.85 30.67 3.04
CA LYS B 278 -0.54 30.78 3.30
C LYS B 278 -0.90 32.25 3.31
N GLU B 279 -0.05 33.05 3.97
CA GLU B 279 -0.33 34.48 4.03
C GLU B 279 -0.29 35.08 2.61
N PHE B 280 0.76 34.76 1.88
CA PHE B 280 0.87 35.27 0.51
C PHE B 280 -0.36 34.94 -0.34
N LEU B 281 -0.79 33.67 -0.25
CA LEU B 281 -1.90 33.20 -1.09
C LEU B 281 -3.20 33.75 -0.69
N GLU B 282 -3.51 33.72 0.62
CA GLU B 282 -4.82 34.15 1.10
C GLU B 282 -4.93 35.69 1.22
N ASN B 283 -3.87 36.40 1.64
CA ASN B 283 -3.98 37.84 1.85
C ASN B 283 -3.39 38.73 0.77
N TYR B 284 -2.64 38.16 -0.19
CA TYR B 284 -2.07 38.95 -1.29
C TYR B 284 -2.57 38.54 -2.64
N LEU B 285 -2.51 37.27 -2.99
CA LEU B 285 -2.91 36.82 -4.28
C LEU B 285 -4.41 36.77 -4.42
N LEU B 286 -5.07 36.05 -3.52
CA LEU B 286 -6.52 35.82 -3.67
C LEU B 286 -7.30 37.02 -3.11
N THR B 287 -6.98 38.18 -3.66
CA THR B 287 -7.71 39.44 -3.43
C THR B 287 -8.02 40.01 -4.80
N ASP B 288 -8.92 40.99 -4.84
CA ASP B 288 -9.23 41.64 -6.07
C ASP B 288 -7.98 42.26 -6.72
N GLU B 289 -7.16 42.90 -5.90
CA GLU B 289 -6.00 43.59 -6.44
C GLU B 289 -4.93 42.60 -6.90
N GLY B 290 -4.77 41.48 -6.18
CA GLY B 290 -3.71 40.54 -6.54
C GLY B 290 -4.06 39.87 -7.82
N LEU B 291 -5.30 39.38 -7.92
CA LEU B 291 -5.70 38.73 -9.15
C LEU B 291 -5.70 39.70 -10.34
N GLU B 292 -6.12 40.93 -10.13
CA GLU B 292 -6.02 41.90 -11.17
C GLU B 292 -4.57 42.03 -11.64
N ALA B 293 -3.60 42.10 -10.74
CA ALA B 293 -2.18 42.24 -11.15
C ALA B 293 -1.76 41.13 -12.11
N VAL B 294 -2.24 39.91 -11.85
CA VAL B 294 -1.87 38.80 -12.63
C VAL B 294 -2.65 38.85 -13.95
N ASN B 295 -3.91 39.21 -13.82
CA ASN B 295 -4.84 39.20 -14.97
C ASN B 295 -4.43 40.19 -16.05
N LYS B 296 -3.90 41.36 -15.65
CA LYS B 296 -3.39 42.36 -16.56
C LYS B 296 -2.18 41.92 -17.34
N ASP B 297 -1.39 41.04 -16.75
CA ASP B 297 -0.28 40.42 -17.46
C ASP B 297 -0.79 39.42 -18.49
N LYS B 298 -1.43 38.33 -18.02
CA LYS B 298 -2.03 37.33 -18.88
C LYS B 298 -3.31 36.90 -18.20
N PRO B 299 -4.41 37.01 -18.93
CA PRO B 299 -5.68 36.72 -18.26
C PRO B 299 -5.77 35.33 -17.68
N LEU B 300 -6.40 35.28 -16.50
CA LEU B 300 -6.55 34.08 -15.68
C LEU B 300 -7.74 33.18 -16.08
N GLY B 301 -8.72 33.76 -16.78
CA GLY B 301 -10.01 33.10 -16.99
C GLY B 301 -11.01 33.58 -15.96
N ALA B 302 -11.97 32.70 -15.60
CA ALA B 302 -12.97 33.04 -14.60
C ALA B 302 -12.41 32.73 -13.26
N VAL B 303 -12.12 33.72 -12.49
CA VAL B 303 -11.42 33.48 -11.26
C VAL B 303 -12.34 32.81 -10.22
N ALA B 304 -11.70 32.23 -9.23
CA ALA B 304 -12.38 31.52 -8.17
C ALA B 304 -12.90 32.50 -7.13
N LEU B 305 -12.33 33.69 -7.03
CA LEU B 305 -12.70 34.70 -6.04
C LEU B 305 -13.96 35.41 -6.54
N LYS B 306 -15.07 35.21 -5.82
CA LYS B 306 -16.40 35.71 -6.31
C LYS B 306 -16.41 37.23 -6.54
N SER B 307 -15.83 37.99 -5.61
CA SER B 307 -15.85 39.46 -5.73
C SER B 307 -15.20 39.92 -7.04
N TYR B 308 -14.12 39.29 -7.48
CA TYR B 308 -13.45 39.76 -8.68
C TYR B 308 -14.13 39.16 -9.88
N GLU B 309 -14.57 37.90 -9.79
CA GLU B 309 -15.30 37.30 -10.92
C GLU B 309 -16.55 38.11 -11.30
N GLU B 310 -17.20 38.72 -10.31
CA GLU B 310 -18.32 39.62 -10.58
C GLU B 310 -17.94 40.64 -11.65
N GLU B 311 -16.75 41.25 -11.55
CA GLU B 311 -16.24 42.16 -12.59
C GLU B 311 -15.88 41.46 -13.92
N LEU B 312 -15.15 40.36 -13.83
CA LEU B 312 -14.68 39.69 -15.03
C LEU B 312 -15.84 39.09 -15.87
N ALA B 313 -16.90 38.69 -15.19
CA ALA B 313 -18.01 38.02 -15.86
C ALA B 313 -18.70 38.89 -16.91
N LYS B 314 -18.55 40.21 -16.84
CA LYS B 314 -19.12 41.07 -17.87
C LYS B 314 -18.37 41.07 -19.22
N ASP B 315 -17.14 40.58 -19.21
CA ASP B 315 -16.36 40.51 -20.40
C ASP B 315 -16.84 39.38 -21.28
N PRO B 316 -17.19 39.67 -22.53
CA PRO B 316 -17.69 38.66 -23.46
C PRO B 316 -16.71 37.52 -23.73
N ARG B 317 -15.42 37.80 -23.60
CA ARG B 317 -14.41 36.74 -23.73
C ARG B 317 -14.51 35.70 -22.59
N ILE B 318 -14.80 36.18 -21.38
CA ILE B 318 -15.03 35.37 -20.22
C ILE B 318 -16.37 34.63 -20.34
N ALA B 319 -17.39 35.31 -20.80
CA ALA B 319 -18.63 34.62 -21.13
C ALA B 319 -18.41 33.42 -22.10
N ALA B 320 -17.64 33.61 -23.18
CA ALA B 320 -17.30 32.53 -24.11
C ALA B 320 -16.48 31.43 -23.45
N THR B 321 -15.52 31.83 -22.61
CA THR B 321 -14.75 30.86 -21.81
C THR B 321 -15.69 29.96 -21.00
N MET B 322 -16.61 30.58 -20.32
CA MET B 322 -17.51 29.81 -19.48
C MET B 322 -18.51 28.98 -20.29
N GLU B 323 -18.90 29.47 -21.43
CA GLU B 323 -19.78 28.70 -22.27
C GLU B 323 -19.05 27.45 -22.72
N ASN B 324 -17.81 27.58 -23.15
CA ASN B 324 -17.07 26.35 -23.50
C ASN B 324 -16.81 25.47 -22.29
N ALA B 325 -16.55 26.09 -21.14
CA ALA B 325 -16.23 25.29 -19.98
C ALA B 325 -17.42 24.42 -19.56
N GLN B 326 -18.61 24.98 -19.68
CA GLN B 326 -19.81 24.27 -19.24
C GLN B 326 -20.12 23.17 -20.21
N LYS B 327 -19.82 23.35 -21.48
CA LYS B 327 -19.94 22.27 -22.43
C LYS B 327 -18.92 21.15 -22.30
N GLY B 328 -17.78 21.42 -21.68
CA GLY B 328 -16.77 20.39 -21.46
C GLY B 328 -16.97 19.85 -20.09
N GLU B 329 -15.88 19.46 -19.45
CA GLU B 329 -15.95 18.86 -18.14
C GLU B 329 -14.76 19.25 -17.34
N ILE B 330 -14.95 19.44 -16.04
CA ILE B 330 -13.79 19.62 -15.14
C ILE B 330 -12.95 18.37 -15.15
N MET B 331 -11.62 18.52 -15.21
CA MET B 331 -10.79 17.35 -15.25
C MET B 331 -10.89 16.63 -13.91
N PRO B 332 -10.80 15.31 -13.94
CA PRO B 332 -10.50 14.59 -12.71
C PRO B 332 -9.20 15.03 -12.10
N ASN B 333 -9.03 14.81 -10.79
CA ASN B 333 -7.70 15.00 -10.18
C ASN B 333 -6.99 13.70 -9.73
N ILE B 334 -7.51 12.58 -10.18
CA ILE B 334 -6.99 11.28 -9.81
C ILE B 334 -5.58 11.10 -10.33
N PRO B 335 -4.76 10.30 -9.61
CA PRO B 335 -3.36 10.19 -10.00
C PRO B 335 -3.12 9.56 -11.33
N GLN B 336 -4.12 8.85 -11.88
CA GLN B 336 -4.01 8.27 -13.20
C GLN B 336 -4.03 9.33 -14.33
N MET B 337 -4.38 10.60 -14.01
CA MET B 337 -4.42 11.60 -15.09
C MET B 337 -3.16 11.82 -15.87
N SER B 338 -2.02 11.80 -15.25
CA SER B 338 -0.78 11.95 -16.01
C SER B 338 -0.52 10.78 -17.00
N ALA B 339 -0.98 9.57 -16.67
CA ALA B 339 -0.86 8.44 -17.66
C ALA B 339 -1.83 8.62 -18.83
N PHE B 340 -3.07 9.04 -18.52
CA PHE B 340 -3.98 9.41 -19.53
C PHE B 340 -3.38 10.43 -20.53
N TRP B 341 -2.78 11.47 -19.98
CA TRP B 341 -2.26 12.53 -20.83
C TRP B 341 -1.10 12.07 -21.66
N TYR B 342 -0.22 11.27 -21.06
CA TYR B 342 0.90 10.72 -21.81
C TYR B 342 0.41 9.81 -22.93
N ALA B 343 -0.61 9.04 -22.63
CA ALA B 343 -1.15 8.10 -23.63
C ALA B 343 -1.79 8.81 -24.81
N VAL B 344 -2.58 9.83 -24.50
CA VAL B 344 -3.24 10.60 -25.53
C VAL B 344 -2.25 11.46 -26.29
N ARG B 345 -1.28 12.02 -25.59
CA ARG B 345 -0.24 12.81 -26.28
C ARG B 345 0.42 11.96 -27.36
N THR B 346 0.88 10.77 -26.96
CA THR B 346 1.61 9.88 -27.83
C THR B 346 0.74 9.46 -29.04
N ALA B 347 -0.51 9.20 -28.77
CA ALA B 347 -1.43 8.82 -29.80
C ALA B 347 -1.71 9.92 -30.82
N VAL B 348 -1.93 11.14 -30.37
CA VAL B 348 -2.30 12.23 -31.27
C VAL B 348 -1.05 12.52 -32.12
N ILE B 349 0.10 12.62 -31.47
CA ILE B 349 1.36 12.86 -32.24
C ILE B 349 1.63 11.73 -33.27
N ASN B 350 1.43 10.48 -32.86
CA ASN B 350 1.75 9.37 -33.74
C ASN B 350 0.80 9.35 -34.93
N ALA B 351 -0.47 9.59 -34.68
CA ALA B 351 -1.45 9.52 -35.76
C ALA B 351 -1.27 10.70 -36.69
N ALA B 352 -1.05 11.88 -36.11
CA ALA B 352 -0.94 13.09 -36.91
C ALA B 352 0.22 12.98 -37.84
N SER B 353 1.29 12.40 -37.35
CA SER B 353 2.51 12.35 -38.12
C SER B 353 2.51 11.15 -39.04
N GLY B 354 1.48 10.30 -38.93
CA GLY B 354 1.42 9.06 -39.72
C GLY B 354 2.27 7.93 -39.20
N ARG B 355 2.89 8.03 -38.04
CA ARG B 355 3.63 6.88 -37.49
C ARG B 355 2.76 5.72 -37.10
N GLN B 356 1.52 5.97 -36.70
CA GLN B 356 0.51 4.90 -36.49
C GLN B 356 -0.77 5.36 -37.13
N THR B 357 -1.63 4.40 -37.46
CA THR B 357 -3.00 4.67 -37.86
C THR B 357 -3.76 5.14 -36.62
N VAL B 358 -4.87 5.83 -36.86
CA VAL B 358 -5.76 6.27 -35.75
C VAL B 358 -6.13 5.07 -34.88
N ASP B 359 -6.51 3.95 -35.50
CA ASP B 359 -6.96 2.81 -34.68
C ASP B 359 -5.86 2.19 -33.84
N ALA B 360 -4.68 2.07 -34.42
CA ALA B 360 -3.56 1.54 -33.71
C ALA B 360 -3.16 2.51 -32.58
N ALA B 361 -3.13 3.81 -32.87
CA ALA B 361 -2.73 4.80 -31.90
C ALA B 361 -3.65 4.81 -30.71
N LEU B 362 -4.95 4.73 -30.94
CA LEU B 362 -5.90 4.83 -29.87
C LEU B 362 -6.01 3.52 -29.11
N ALA B 363 -5.80 2.42 -29.79
CA ALA B 363 -5.81 1.16 -29.08
C ALA B 363 -4.58 1.17 -28.13
N ALA B 364 -3.43 1.69 -28.56
CA ALA B 364 -2.25 1.73 -27.65
C ALA B 364 -2.50 2.69 -26.49
N ALA B 365 -3.18 3.80 -26.76
CA ALA B 365 -3.50 4.75 -25.72
C ALA B 365 -4.36 4.14 -24.64
N GLN B 366 -5.33 3.32 -25.04
CA GLN B 366 -6.19 2.70 -24.03
C GLN B 366 -5.37 1.84 -23.08
N THR B 367 -4.43 1.12 -23.64
CA THR B 367 -3.44 0.35 -22.89
C THR B 367 -2.54 1.23 -22.04
N ASN B 368 -1.93 2.24 -22.63
CA ASN B 368 -0.98 3.08 -21.91
C ASN B 368 -1.61 3.89 -20.77
N ALA B 369 -2.88 4.28 -20.93
CA ALA B 369 -3.60 5.00 -19.84
C ALA B 369 -3.64 4.27 -18.52
N ALA B 370 -3.37 2.97 -18.53
CA ALA B 370 -3.25 2.19 -17.29
C ALA B 370 -1.91 2.36 -16.56
N ALA B 371 -0.83 2.64 -17.27
CA ALA B 371 0.47 2.58 -16.71
C ALA B 371 0.81 3.91 -16.00
N MET B 372 0.24 4.09 -14.81
CA MET B 372 0.46 5.29 -14.05
C MET B 372 1.87 5.31 -13.47
N THR B 373 2.58 6.42 -13.70
CA THR B 373 3.90 6.62 -13.15
C THR B 373 3.93 7.91 -12.32
N VAL B 374 3.47 7.85 -11.07
CA VAL B 374 3.61 8.98 -10.17
C VAL B 374 4.62 8.77 -9.05
N GLY B 375 5.23 7.59 -9.03
CA GLY B 375 6.18 7.28 -7.96
C GLY B 375 7.41 8.12 -8.03
N THR B 376 8.10 8.31 -6.90
CA THR B 376 9.21 9.24 -6.81
C THR B 376 10.42 8.59 -6.12
N LEU B 377 10.54 7.27 -6.18
CA LEU B 377 11.65 6.68 -5.46
C LEU B 377 13.00 7.00 -6.12
N VAL B 378 13.10 6.83 -7.45
CA VAL B 378 14.38 7.23 -8.07
C VAL B 378 14.58 8.72 -8.10
N ALA B 379 13.48 9.47 -8.16
CA ALA B 379 13.56 10.96 -8.10
C ALA B 379 14.27 11.45 -6.83
N SER B 380 14.04 10.74 -5.73
CA SER B 380 14.65 11.02 -4.44
C SER B 380 16.16 10.83 -4.41
N VAL B 381 16.75 10.20 -5.41
CA VAL B 381 18.19 10.08 -5.49
C VAL B 381 18.78 10.90 -6.65
N LEU B 382 18.01 11.78 -7.25
CA LEU B 382 18.55 12.59 -8.36
C LEU B 382 18.86 14.03 -7.86
N PRO B 383 19.90 14.66 -8.41
CA PRO B 383 20.27 16.00 -7.97
C PRO B 383 19.32 17.06 -8.53
N ALA B 384 18.69 17.79 -7.62
CA ALA B 384 17.75 18.86 -7.99
C ALA B 384 18.39 19.97 -8.76
N THR B 385 19.69 20.19 -8.57
CA THR B 385 20.34 21.23 -9.34
C THR B 385 20.43 21.00 -10.85
N VAL B 386 20.17 19.80 -11.34
CA VAL B 386 20.30 19.47 -12.71
C VAL B 386 18.92 19.15 -13.29
N PHE B 387 17.85 19.57 -12.60
CA PHE B 387 16.50 19.11 -12.94
C PHE B 387 16.06 19.43 -14.33
N GLU B 388 16.53 20.56 -14.90
CA GLU B 388 16.11 20.89 -16.25
C GLU B 388 16.61 19.89 -17.29
N ASP B 389 17.66 19.18 -16.96
CA ASP B 389 18.30 18.27 -17.93
C ASP B 389 18.21 16.78 -17.58
N LEU B 390 17.31 16.46 -16.65
CA LEU B 390 17.08 15.08 -16.25
C LEU B 390 15.60 14.83 -16.26
N ALA B 391 15.23 13.59 -16.53
CA ALA B 391 13.84 13.18 -16.42
C ALA B 391 13.87 11.72 -16.00
N TYR B 392 12.73 11.24 -15.54
CA TYR B 392 12.64 9.86 -15.05
C TYR B 392 11.20 9.33 -15.12
N ALA B 393 11.05 7.98 -15.03
CA ALA B 393 9.71 7.38 -14.80
C ALA B 393 9.97 5.99 -14.20
N GLU B 394 9.08 5.50 -13.34
CA GLU B 394 9.24 4.22 -12.70
C GLU B 394 7.88 3.53 -12.56
N LEU B 395 7.92 2.22 -12.49
CA LEU B 395 6.75 1.38 -12.36
C LEU B 395 7.09 0.30 -11.33
N TYR B 396 6.06 -0.16 -10.58
CA TYR B 396 6.21 -1.19 -9.60
C TYR B 396 5.58 -2.53 -10.04
N SER B 397 5.20 -2.66 -11.29
CA SER B 397 4.49 -3.82 -11.81
C SER B 397 4.72 -3.78 -13.31
N ASP B 398 4.21 -4.76 -14.04
CA ASP B 398 4.20 -4.78 -15.49
C ASP B 398 2.76 -4.54 -15.93
N PRO B 399 2.44 -3.36 -16.39
CA PRO B 399 1.08 -3.13 -16.90
C PRO B 399 0.73 -4.03 -18.07
N PRO B 400 -0.52 -4.51 -18.12
CA PRO B 400 -0.85 -5.50 -19.13
C PRO B 400 -0.84 -4.91 -20.53
N GLY B 401 -0.33 -5.67 -21.46
CA GLY B 401 -0.44 -5.32 -22.85
C GLY B 401 0.60 -4.36 -23.43
N LEU B 402 1.59 -3.96 -22.64
CA LEU B 402 2.69 -3.13 -23.21
C LEU B 402 3.45 -3.99 -24.18
N THR B 403 4.03 -3.36 -25.20
CA THR B 403 4.77 -4.08 -26.23
C THR B 403 6.09 -3.35 -26.48
N PRO B 404 7.10 -4.05 -26.97
CA PRO B 404 8.34 -3.35 -27.33
C PRO B 404 8.09 -2.52 -28.60
N LEU B 405 8.99 -1.59 -28.95
CA LEU B 405 8.94 -1.04 -30.27
C LEU B 405 9.33 -2.16 -31.21
N PRO B 406 8.85 -2.09 -32.46
CA PRO B 406 9.24 -3.13 -33.42
C PRO B 406 10.79 -3.28 -33.59
N GLU B 407 11.54 -2.18 -33.51
CA GLU B 407 12.99 -2.25 -33.63
C GLU B 407 13.60 -2.98 -32.46
N GLU B 408 12.91 -2.95 -31.29
CA GLU B 408 13.40 -3.61 -30.07
C GLU B 408 13.04 -5.09 -29.98
N ALA B 409 12.03 -5.54 -30.71
CA ALA B 409 11.51 -6.89 -30.51
C ALA B 409 12.55 -8.03 -30.64
N PRO B 410 13.54 -7.92 -31.57
CA PRO B 410 14.51 -9.02 -31.68
C PRO B 410 15.36 -9.27 -30.47
N LEU B 411 15.54 -8.22 -29.65
CA LEU B 411 16.35 -8.32 -28.46
C LEU B 411 15.78 -9.28 -27.40
N ILE B 412 14.49 -9.59 -27.48
CA ILE B 412 13.83 -10.46 -26.53
C ILE B 412 13.06 -11.59 -27.20
N ALA B 413 13.31 -11.82 -28.49
CA ALA B 413 12.49 -12.80 -29.22
C ALA B 413 12.57 -14.21 -28.65
N ARG B 414 13.67 -14.61 -28.10
CA ARG B 414 13.87 -15.92 -27.53
C ARG B 414 14.14 -15.80 -26.05
N SER B 415 13.66 -14.73 -25.41
CA SER B 415 13.98 -14.51 -24.02
C SER B 415 12.80 -15.07 -23.16
N VAL B 416 13.09 -15.40 -21.94
CA VAL B 416 12.06 -15.91 -20.99
C VAL B 416 11.07 -14.81 -20.60
N ALA B 417 9.86 -15.22 -20.19
CA ALA B 417 8.79 -14.28 -19.87
C ALA B 417 9.20 -13.11 -18.93
N LYS B 418 9.87 -13.42 -17.82
CA LYS B 418 10.26 -12.43 -16.84
C LYS B 418 11.21 -11.37 -17.49
N ARG B 419 12.06 -11.84 -18.39
CA ARG B 419 12.99 -10.96 -19.10
C ARG B 419 12.23 -10.10 -20.04
N ARG B 420 11.34 -10.68 -20.81
CA ARG B 420 10.51 -9.90 -21.73
C ARG B 420 9.77 -8.82 -20.98
N ASN B 421 9.17 -9.16 -19.85
CA ASN B 421 8.42 -8.13 -19.11
C ASN B 421 9.27 -6.99 -18.64
N GLU B 422 10.38 -7.31 -18.00
CA GLU B 422 11.20 -6.28 -17.39
C GLU B 422 11.79 -5.34 -18.50
N PHE B 423 12.16 -5.97 -19.64
CA PHE B 423 12.73 -5.24 -20.78
C PHE B 423 11.71 -4.24 -21.31
N ILE B 424 10.51 -4.72 -21.51
CA ILE B 424 9.45 -3.92 -22.12
C ILE B 424 8.98 -2.79 -21.23
N THR B 425 8.70 -3.13 -19.96
CA THR B 425 8.24 -2.12 -19.02
C THR B 425 9.28 -1.04 -18.77
N VAL B 426 10.54 -1.40 -18.57
CA VAL B 426 11.58 -0.41 -18.35
C VAL B 426 11.74 0.57 -19.54
N ARG B 427 11.50 0.08 -20.74
CA ARG B 427 11.61 0.90 -21.91
C ARG B 427 10.42 1.78 -22.14
N HIS B 428 9.27 1.34 -21.68
CA HIS B 428 8.13 2.19 -21.62
C HIS B 428 8.44 3.41 -20.65
N CYS B 429 9.08 3.11 -19.52
CA CYS B 429 9.54 4.13 -18.58
C CYS B 429 10.52 5.05 -19.27
N ALA B 430 11.44 4.47 -20.01
CA ALA B 430 12.41 5.30 -20.69
C ALA B 430 11.74 6.26 -21.67
N ARG B 431 10.78 5.78 -22.44
CA ARG B 431 10.04 6.64 -23.37
C ARG B 431 9.23 7.74 -22.70
N ILE B 432 8.67 7.49 -21.51
CA ILE B 432 7.99 8.50 -20.76
C ILE B 432 8.99 9.61 -20.36
N ALA B 433 10.19 9.23 -19.93
CA ALA B 433 11.21 10.19 -19.54
C ALA B 433 11.72 11.01 -20.74
N LEU B 434 11.97 10.33 -21.88
CA LEU B 434 12.44 11.01 -23.07
C LEU B 434 11.45 12.07 -23.54
N ASP B 435 10.16 11.78 -23.45
CA ASP B 435 9.04 12.67 -23.80
C ASP B 435 9.16 13.97 -22.99
N GLN B 436 9.50 13.85 -21.71
CA GLN B 436 9.67 15.01 -20.87
C GLN B 436 10.80 15.86 -21.30
N LEU B 437 11.78 15.29 -21.99
CA LEU B 437 12.89 16.05 -22.48
C LEU B 437 12.65 16.51 -23.93
N GLY B 438 11.44 16.33 -24.46
CA GLY B 438 11.14 16.71 -25.85
C GLY B 438 11.78 15.81 -26.87
N VAL B 439 11.96 14.55 -26.54
CA VAL B 439 12.48 13.63 -27.53
C VAL B 439 11.37 12.67 -27.88
N PRO B 440 11.13 12.52 -29.18
CA PRO B 440 10.13 11.56 -29.60
C PRO B 440 10.56 10.10 -29.28
N PRO B 441 9.60 9.19 -29.30
CA PRO B 441 9.82 7.81 -28.95
C PRO B 441 10.84 7.16 -29.86
N ALA B 442 11.81 6.47 -29.25
CA ALA B 442 12.92 5.85 -29.90
C ALA B 442 13.17 4.50 -29.25
N PRO B 443 13.73 3.58 -30.01
CA PRO B 443 14.16 2.30 -29.44
C PRO B 443 15.39 2.47 -28.64
N ILE B 444 15.51 1.68 -27.60
CA ILE B 444 16.62 1.68 -26.72
C ILE B 444 17.27 0.31 -26.87
N LEU B 445 18.28 0.22 -27.74
CA LEU B 445 18.96 -1.04 -28.02
C LEU B 445 20.11 -1.30 -27.02
N LYS B 446 20.87 -2.38 -27.20
CA LYS B 446 21.91 -2.75 -26.29
C LYS B 446 23.20 -2.93 -27.06
N GLY B 447 24.28 -2.35 -26.53
CA GLY B 447 25.52 -2.25 -27.27
C GLY B 447 26.64 -2.93 -26.56
N ASP B 448 27.75 -2.22 -26.44
CA ASP B 448 28.93 -2.72 -25.84
C ASP B 448 28.69 -3.26 -24.41
N LYS B 449 29.03 -4.52 -24.14
CA LYS B 449 28.82 -5.11 -22.79
C LYS B 449 27.39 -4.90 -22.27
N GLY B 450 26.45 -4.83 -23.20
CA GLY B 450 25.04 -4.70 -22.88
C GLY B 450 24.57 -3.28 -22.59
N GLU B 451 25.46 -2.29 -22.71
CA GLU B 451 25.07 -0.90 -22.39
C GLU B 451 23.87 -0.40 -23.25
N PRO B 452 22.93 0.31 -22.64
CA PRO B 452 21.86 0.79 -23.43
C PRO B 452 22.29 1.91 -24.41
N CYS B 453 21.56 1.97 -25.51
CA CYS B 453 21.87 2.84 -26.65
C CYS B 453 20.83 3.98 -26.73
N TRP B 454 21.27 5.18 -26.41
CA TRP B 454 20.37 6.32 -26.24
C TRP B 454 20.25 7.12 -27.54
N PRO B 455 19.18 7.91 -27.69
CA PRO B 455 19.16 8.88 -28.83
C PRO B 455 20.32 9.86 -28.78
N ASP B 456 20.74 10.35 -29.95
CA ASP B 456 21.78 11.39 -30.03
C ASP B 456 21.53 12.51 -29.03
N GLY B 457 22.59 12.94 -28.38
CA GLY B 457 22.47 14.03 -27.43
C GLY B 457 21.88 13.62 -26.06
N MET B 458 21.59 12.33 -25.85
CA MET B 458 21.03 11.83 -24.55
C MET B 458 21.91 10.79 -23.93
N VAL B 459 21.83 10.67 -22.58
CA VAL B 459 22.51 9.64 -21.81
C VAL B 459 21.36 9.14 -20.86
N GLY B 460 21.60 8.05 -20.19
CA GLY B 460 20.58 7.50 -19.28
C GLY B 460 21.00 6.19 -18.65
N SER B 461 20.09 5.62 -17.85
CA SER B 461 20.33 4.32 -17.26
C SER B 461 18.99 3.68 -17.00
N LEU B 462 19.00 2.36 -16.96
CA LEU B 462 17.81 1.52 -16.76
C LEU B 462 18.05 0.55 -15.60
N THR B 463 16.98 0.17 -14.86
CA THR B 463 17.12 -0.86 -13.86
C THR B 463 15.81 -1.59 -13.68
N HIS B 464 15.91 -2.87 -13.32
CA HIS B 464 14.73 -3.63 -13.09
C HIS B 464 15.04 -4.79 -12.15
N CYS B 465 14.24 -4.90 -11.10
CA CYS B 465 14.34 -5.99 -10.13
C CYS B 465 12.93 -6.41 -9.71
N ALA B 466 12.82 -7.40 -8.83
CA ALA B 466 11.47 -7.72 -8.32
C ALA B 466 10.79 -6.46 -7.77
N GLY B 467 9.65 -6.08 -8.34
CA GLY B 467 8.81 -5.02 -7.80
C GLY B 467 9.23 -3.64 -8.29
N TYR B 468 10.14 -3.56 -9.31
CA TYR B 468 10.56 -2.23 -9.77
C TYR B 468 11.13 -2.23 -11.16
N ARG B 469 10.76 -1.20 -11.90
CA ARG B 469 11.38 -0.83 -13.21
C ARG B 469 11.56 0.72 -13.19
N GLY B 470 12.74 1.22 -13.57
CA GLY B 470 12.90 2.62 -13.64
C GLY B 470 13.95 2.99 -14.67
N ALA B 471 13.74 4.19 -15.17
CA ALA B 471 14.59 4.82 -16.17
C ALA B 471 14.85 6.27 -15.79
N VAL B 472 16.11 6.69 -15.98
CA VAL B 472 16.47 8.11 -15.84
C VAL B 472 17.28 8.48 -17.10
N VAL B 473 16.93 9.58 -17.71
CA VAL B 473 17.56 10.03 -18.93
C VAL B 473 18.00 11.50 -18.70
N GLY B 474 19.15 11.88 -19.32
CA GLY B 474 19.70 13.22 -19.22
C GLY B 474 20.16 13.75 -20.60
N ARG B 475 20.16 15.07 -20.72
CA ARG B 475 20.77 15.77 -21.88
C ARG B 475 22.27 15.77 -21.74
N ARG B 476 22.89 15.22 -22.77
CA ARG B 476 24.32 14.99 -22.74
C ARG B 476 25.12 16.25 -22.69
N ASP B 477 24.57 17.34 -23.19
CA ASP B 477 25.35 18.55 -23.18
C ASP B 477 25.50 19.04 -21.78
N ALA B 478 24.66 18.59 -20.82
CA ALA B 478 24.75 18.94 -19.41
C ALA B 478 25.12 17.81 -18.45
N VAL B 479 24.93 16.56 -18.86
CA VAL B 479 25.11 15.41 -18.02
C VAL B 479 26.02 14.44 -18.76
N ARG B 480 27.15 14.09 -18.15
CA ARG B 480 28.09 13.27 -18.82
C ARG B 480 27.68 11.78 -18.92
N SER B 481 27.13 11.25 -17.82
CA SER B 481 26.76 9.85 -17.69
C SER B 481 25.73 9.77 -16.55
N VAL B 482 24.87 8.78 -16.60
CA VAL B 482 23.95 8.45 -15.49
C VAL B 482 24.06 6.94 -15.23
N GLY B 483 24.14 6.54 -13.95
CA GLY B 483 24.04 5.14 -13.54
C GLY B 483 23.02 5.08 -12.42
N ILE B 484 22.01 4.25 -12.60
CA ILE B 484 21.01 3.97 -11.52
C ILE B 484 20.94 2.50 -11.25
N ASP B 485 20.49 2.13 -10.06
CA ASP B 485 20.34 0.71 -9.79
C ASP B 485 19.31 0.54 -8.65
N ALA B 486 18.37 -0.34 -8.92
CA ALA B 486 17.41 -0.81 -7.94
C ALA B 486 17.72 -2.24 -7.49
N GLU B 487 17.60 -2.52 -6.18
CA GLU B 487 17.71 -3.84 -5.66
C GLU B 487 16.62 -4.07 -4.61
N PRO B 488 16.16 -5.32 -4.45
CA PRO B 488 15.30 -5.58 -3.27
C PRO B 488 16.07 -5.36 -2.00
N HIS B 489 15.36 -4.85 -0.97
CA HIS B 489 16.00 -4.55 0.27
C HIS B 489 16.06 -5.80 1.17
N ASP B 490 16.93 -6.72 0.77
CA ASP B 490 17.13 -8.01 1.44
C ASP B 490 18.59 -8.16 1.76
N VAL B 491 18.86 -8.99 2.77
CA VAL B 491 20.25 -9.40 3.05
C VAL B 491 20.86 -10.02 1.79
N LEU B 492 22.16 -9.86 1.59
CA LEU B 492 22.76 -10.51 0.44
C LEU B 492 22.86 -12.04 0.70
N PRO B 493 22.83 -12.87 -0.35
CA PRO B 493 23.10 -14.32 -0.28
C PRO B 493 24.44 -14.61 0.33
N ASN B 494 24.53 -15.77 0.95
CA ASN B 494 25.79 -16.15 1.61
C ASN B 494 26.94 -16.09 0.67
N GLY B 495 28.05 -15.58 1.18
CA GLY B 495 29.31 -15.42 0.40
C GLY B 495 29.39 -14.13 -0.46
N VAL B 496 28.24 -13.54 -0.81
CA VAL B 496 28.30 -12.42 -1.75
C VAL B 496 28.94 -11.22 -1.11
N LEU B 497 28.60 -10.89 0.14
CA LEU B 497 29.20 -9.69 0.73
C LEU B 497 30.71 -9.67 0.59
N ASP B 498 31.38 -10.77 0.90
CA ASP B 498 32.84 -10.81 0.80
C ASP B 498 33.35 -10.64 -0.63
N ALA B 499 32.60 -11.14 -1.57
CA ALA B 499 32.99 -11.06 -2.96
C ALA B 499 32.88 -9.60 -3.45
N ILE B 500 31.94 -8.82 -2.90
CA ILE B 500 31.65 -7.48 -3.45
C ILE B 500 32.24 -6.34 -2.67
N SER B 501 32.76 -6.60 -1.47
CA SER B 501 33.20 -5.54 -0.62
C SER B 501 34.63 -5.60 -0.27
N LEU B 502 35.14 -4.47 0.17
CA LEU B 502 36.49 -4.37 0.67
C LEU B 502 36.42 -4.40 2.19
N PRO B 503 37.48 -4.86 2.85
CA PRO B 503 37.54 -4.79 4.29
C PRO B 503 37.14 -3.50 4.92
N ALA B 504 37.65 -2.37 4.47
CA ALA B 504 37.27 -1.11 5.09
C ALA B 504 35.78 -0.79 4.98
N GLU B 505 35.16 -1.20 3.86
CA GLU B 505 33.71 -1.02 3.74
C GLU B 505 32.96 -1.83 4.83
N ARG B 506 33.34 -3.10 4.99
CA ARG B 506 32.75 -3.92 6.01
C ARG B 506 32.95 -3.33 7.43
N ALA B 507 34.06 -2.63 7.65
CA ALA B 507 34.33 -2.00 8.95
C ALA B 507 33.58 -0.74 9.15
N ASP B 508 33.46 0.10 8.12
CA ASP B 508 32.99 1.49 8.34
C ASP B 508 31.53 1.63 8.07
N MET B 509 30.99 0.83 7.15
CA MET B 509 29.67 1.09 6.72
C MET B 509 28.62 0.85 7.79
N PRO B 510 28.70 -0.24 8.53
CA PRO B 510 27.66 -0.40 9.56
C PRO B 510 27.55 0.74 10.56
N ARG B 511 28.62 1.45 10.83
CA ARG B 511 28.57 2.58 11.75
C ARG B 511 27.84 3.78 11.12
N THR B 512 27.76 3.85 9.79
CA THR B 512 27.22 5.04 9.12
C THR B 512 25.72 4.90 8.81
N MET B 513 25.15 3.69 9.04
CA MET B 513 23.76 3.37 8.60
C MET B 513 22.86 2.98 9.80
N PRO B 514 21.60 3.41 9.81
CA PRO B 514 20.65 3.04 10.88
C PRO B 514 20.42 1.51 10.87
N ALA B 515 20.03 0.97 12.04
CA ALA B 515 19.79 -0.45 12.23
C ALA B 515 18.77 -1.07 11.27
N ALA B 516 17.82 -0.30 10.80
CA ALA B 516 16.82 -0.83 9.94
C ALA B 516 17.35 -1.32 8.57
N LEU B 517 18.52 -0.81 8.19
CA LEU B 517 18.97 -1.02 6.84
C LEU B 517 19.88 -2.27 6.63
N HIS B 518 19.68 -2.91 5.48
CA HIS B 518 20.59 -3.93 5.01
C HIS B 518 21.73 -3.25 4.31
N TRP B 519 22.74 -2.86 5.07
CA TRP B 519 23.81 -2.06 4.50
C TRP B 519 24.59 -2.80 3.45
N ASP B 520 24.66 -4.12 3.63
CA ASP B 520 25.32 -4.97 2.64
C ASP B 520 24.71 -4.86 1.25
N ARG B 521 23.40 -4.88 1.20
CA ARG B 521 22.67 -4.75 -0.02
C ARG B 521 22.75 -3.35 -0.63
N ILE B 522 22.75 -2.35 0.22
CA ILE B 522 22.86 -0.96 -0.25
C ILE B 522 24.25 -0.76 -0.87
N LEU B 523 25.30 -1.28 -0.22
CA LEU B 523 26.64 -1.30 -0.82
C LEU B 523 26.74 -1.95 -2.22
N PHE B 524 26.18 -3.13 -2.35
CA PHE B 524 26.08 -3.83 -3.60
C PHE B 524 25.37 -2.98 -4.70
N CYS B 525 24.24 -2.44 -4.35
CA CYS B 525 23.45 -1.63 -5.29
C CYS B 525 24.29 -0.44 -5.76
N ALA B 526 24.97 0.24 -4.82
CA ALA B 526 25.85 1.38 -5.22
C ALA B 526 27.00 0.99 -6.11
N LYS B 527 27.59 -0.15 -5.87
CA LYS B 527 28.67 -0.67 -6.73
C LYS B 527 28.16 -0.86 -8.15
N GLU B 528 26.96 -1.42 -8.28
CA GLU B 528 26.35 -1.67 -9.60
C GLU B 528 26.05 -0.36 -10.30
N ALA B 529 25.56 0.61 -9.55
CA ALA B 529 25.29 1.93 -10.15
C ALA B 529 26.61 2.56 -10.61
N THR B 530 27.65 2.38 -9.85
CA THR B 530 28.94 2.95 -10.21
C THR B 530 29.40 2.38 -11.58
N TYR B 531 29.35 1.05 -11.74
CA TYR B 531 29.69 0.47 -13.06
C TYR B 531 28.92 1.07 -14.18
N LYS B 532 27.61 1.18 -14.03
CA LYS B 532 26.81 1.74 -15.08
C LYS B 532 27.13 3.18 -15.46
N ALA B 533 27.51 3.98 -14.51
CA ALA B 533 27.91 5.38 -14.83
C ALA B 533 29.33 5.36 -15.48
N TRP B 534 30.17 4.45 -15.05
CA TRP B 534 31.56 4.30 -15.47
C TRP B 534 31.69 3.78 -16.92
N PHE B 535 30.96 2.70 -17.23
CA PHE B 535 31.26 1.99 -18.44
C PHE B 535 31.10 2.80 -19.75
N PRO B 536 30.04 3.60 -19.91
CA PRO B 536 29.90 4.36 -21.13
C PRO B 536 31.03 5.31 -21.37
N LEU B 537 31.68 5.75 -20.32
CA LEU B 537 32.78 6.70 -20.47
C LEU B 537 34.15 6.08 -20.69
N THR B 538 34.34 4.87 -20.22
CA THR B 538 35.61 4.20 -20.22
C THR B 538 35.66 3.00 -21.17
N LYS B 539 34.52 2.33 -21.39
CA LYS B 539 34.42 1.04 -22.06
C LYS B 539 35.35 0.00 -21.50
N ARG B 540 35.62 0.03 -20.20
CA ARG B 540 36.43 -0.96 -19.57
C ARG B 540 35.68 -1.56 -18.39
N TRP B 541 36.10 -2.76 -17.95
CA TRP B 541 35.62 -3.41 -16.75
C TRP B 541 35.95 -2.60 -15.53
N LEU B 542 35.02 -2.62 -14.59
CA LEU B 542 35.29 -2.17 -13.23
C LEU B 542 34.74 -3.20 -12.30
N GLY B 543 35.60 -3.80 -11.52
CA GLY B 543 35.23 -4.83 -10.59
C GLY B 543 34.78 -4.29 -9.26
N PHE B 544 34.17 -5.17 -8.49
CA PHE B 544 33.69 -4.81 -7.19
C PHE B 544 34.77 -4.36 -6.25
N GLU B 545 35.96 -4.92 -6.36
CA GLU B 545 37.08 -4.50 -5.57
C GLU B 545 37.81 -3.27 -6.15
N ASP B 546 37.34 -2.75 -7.27
CA ASP B 546 38.00 -1.62 -7.89
C ASP B 546 37.42 -0.23 -7.52
N ALA B 547 36.45 -0.17 -6.58
CA ALA B 547 35.87 1.10 -6.09
C ALA B 547 35.65 0.91 -4.60
N HIS B 548 36.08 1.90 -3.83
CA HIS B 548 35.87 1.94 -2.41
C HIS B 548 34.78 2.94 -2.21
N ILE B 549 33.65 2.51 -1.66
CA ILE B 549 32.50 3.38 -1.55
C ILE B 549 32.28 3.76 -0.09
N THR B 550 32.07 5.05 0.14
CA THR B 550 31.77 5.55 1.49
C THR B 550 30.42 6.16 1.54
N PHE B 551 29.78 6.07 2.70
CA PHE B 551 28.39 6.45 2.85
C PHE B 551 28.11 7.45 3.99
N GLU B 552 27.06 8.22 3.84
CA GLU B 552 26.46 9.07 4.87
C GLU B 552 24.96 8.79 4.85
N THR B 553 24.28 9.07 5.96
CA THR B 553 22.85 8.99 6.00
C THR B 553 22.29 10.31 6.48
N ASP B 554 21.24 10.75 5.84
CA ASP B 554 20.52 11.97 6.23
C ASP B 554 19.81 11.76 7.55
N SER B 555 19.55 12.87 8.22
CA SER B 555 18.87 12.78 9.49
C SER B 555 17.51 12.07 9.39
N THR B 556 16.88 12.10 8.25
CA THR B 556 15.57 11.46 8.12
C THR B 556 15.68 9.89 8.11
N GLY B 557 16.87 9.38 7.91
CA GLY B 557 17.18 7.97 8.17
CA GLY B 557 17.18 7.97 8.17
C GLY B 557 17.07 6.97 7.02
N TRP B 558 16.46 7.37 5.91
CA TRP B 558 16.16 6.42 4.83
C TRP B 558 16.72 6.87 3.45
N THR B 559 17.63 7.85 3.49
CA THR B 559 18.24 8.39 2.26
CA THR B 559 18.25 8.43 2.28
C THR B 559 19.57 8.98 2.67
N GLY B 560 20.49 9.10 1.72
CA GLY B 560 21.73 9.66 2.06
C GLY B 560 22.61 9.72 0.81
N ARG B 561 23.85 9.94 1.05
CA ARG B 561 24.87 10.19 0.00
C ARG B 561 25.92 9.10 0.03
N PHE B 562 26.57 8.87 -1.11
CA PHE B 562 27.74 8.06 -1.12
C PHE B 562 28.81 8.63 -2.09
N VAL B 563 30.00 8.13 -1.93
CA VAL B 563 31.13 8.48 -2.80
C VAL B 563 31.80 7.22 -3.22
N SER B 564 31.87 6.97 -4.54
CA SER B 564 32.65 5.85 -5.04
C SER B 564 34.02 6.34 -5.49
N ARG B 565 35.05 5.90 -4.79
CA ARG B 565 36.44 6.19 -5.20
C ARG B 565 36.99 5.11 -6.08
N ILE B 566 37.39 5.49 -7.29
CA ILE B 566 37.95 4.54 -8.24
C ILE B 566 39.34 4.22 -7.86
N LEU B 567 39.65 2.95 -7.76
CA LEU B 567 40.97 2.50 -7.36
C LEU B 567 41.88 2.10 -8.49
N ILE B 568 41.38 2.09 -9.72
CA ILE B 568 42.20 1.74 -10.88
C ILE B 568 42.39 2.96 -11.78
N ASP B 569 43.06 2.76 -12.88
CA ASP B 569 43.21 3.88 -13.77
C ASP B 569 41.82 4.37 -14.25
N GLY B 570 41.57 5.67 -14.24
CA GLY B 570 40.26 6.22 -14.56
C GLY B 570 40.11 6.90 -15.89
N SER B 571 41.08 6.66 -16.80
CA SER B 571 41.02 7.28 -18.10
C SER B 571 39.70 7.04 -18.87
N THR B 572 39.16 8.10 -19.47
CA THR B 572 37.96 8.06 -20.21
C THR B 572 38.21 8.27 -21.71
N LEU B 573 37.23 8.00 -22.55
CA LEU B 573 37.36 8.16 -24.00
C LEU B 573 37.47 9.63 -24.30
N SER B 574 36.70 10.46 -23.63
CA SER B 574 37.05 11.85 -23.58
C SER B 574 36.68 12.51 -22.24
N GLY B 575 37.26 13.68 -22.08
CA GLY B 575 37.06 14.43 -20.85
C GLY B 575 37.99 13.91 -19.78
N PRO B 576 37.80 14.46 -18.58
CA PRO B 576 38.67 14.13 -17.49
C PRO B 576 38.50 12.72 -17.01
N PRO B 577 39.53 12.14 -16.38
CA PRO B 577 39.42 10.80 -15.85
C PRO B 577 38.37 10.73 -14.72
N LEU B 578 37.84 9.55 -14.49
CA LEU B 578 36.94 9.29 -13.36
C LEU B 578 37.76 9.05 -12.13
N THR B 579 37.46 9.82 -11.10
CA THR B 579 38.24 9.75 -9.86
C THR B 579 37.33 9.36 -8.68
N THR B 580 36.43 10.24 -8.37
CA THR B 580 35.43 10.00 -7.33
C THR B 580 34.10 10.29 -7.97
N LEU B 581 33.11 9.43 -7.73
CA LEU B 581 31.78 9.65 -8.26
C LEU B 581 30.82 9.77 -7.07
N ARG B 582 30.14 10.89 -6.96
CA ARG B 582 29.14 11.12 -5.94
C ARG B 582 27.79 10.61 -6.35
N GLY B 583 27.13 9.96 -5.43
CA GLY B 583 25.82 9.41 -5.66
C GLY B 583 24.94 9.63 -4.48
N ARG B 584 23.72 9.18 -4.64
CA ARG B 584 22.71 9.17 -3.56
C ARG B 584 22.02 7.82 -3.50
N TRP B 585 21.50 7.52 -2.30
CA TRP B 585 20.80 6.25 -2.05
C TRP B 585 19.53 6.55 -1.25
N SER B 586 18.55 5.68 -1.47
CA SER B 586 17.27 5.72 -0.77
CA SER B 586 17.26 5.73 -0.74
C SER B 586 16.71 4.31 -0.56
N VAL B 587 16.01 4.09 0.56
CA VAL B 587 15.32 2.84 0.84
C VAL B 587 13.89 3.17 1.17
N GLU B 588 12.99 2.54 0.44
CA GLU B 588 11.57 2.67 0.62
C GLU B 588 10.86 1.54 -0.08
N ARG B 589 9.67 1.21 0.45
CA ARG B 589 8.80 0.15 -0.03
C ARG B 589 9.56 -1.17 -0.36
N GLY B 590 10.52 -1.49 0.48
CA GLY B 590 11.22 -2.79 0.38
C GLY B 590 12.28 -2.80 -0.74
N LEU B 591 12.63 -1.59 -1.21
CA LEU B 591 13.57 -1.45 -2.34
C LEU B 591 14.72 -0.53 -1.93
N VAL B 592 15.88 -0.76 -2.52
CA VAL B 592 17.01 0.19 -2.48
C VAL B 592 17.16 0.84 -3.86
N LEU B 593 17.20 2.17 -3.95
CA LEU B 593 17.55 2.86 -5.18
C LEU B 593 18.84 3.58 -5.00
N THR B 594 19.71 3.56 -6.02
CA THR B 594 20.96 4.37 -5.99
C THR B 594 21.03 5.10 -7.33
N ALA B 595 21.66 6.28 -7.37
CA ALA B 595 21.85 6.98 -8.62
C ALA B 595 23.12 7.81 -8.57
N ILE B 596 23.83 7.87 -9.71
CA ILE B 596 25.01 8.70 -9.88
C ILE B 596 24.77 9.49 -11.17
N VAL B 597 24.90 10.80 -11.08
CA VAL B 597 24.72 11.68 -12.27
C VAL B 597 26.01 12.47 -12.39
N LEU B 598 26.74 12.29 -13.47
CA LEU B 598 28.05 12.92 -13.69
C LEU B 598 27.92 14.12 -14.65
C1 GLC C . 2.22 -13.62 26.11
C2 GLC C . 3.23 -13.12 25.07
C3 GLC C . 2.94 -13.70 23.70
C4 GLC C . 2.64 -15.20 23.77
C5 GLC C . 1.45 -15.48 24.69
C6 GLC C . 1.19 -16.93 24.91
O1 GLC C . 1.11 -12.89 25.96
O2 GLC C . 3.20 -11.67 24.94
O3 GLC C . 4.10 -13.58 22.89
O4 GLC C . 2.23 -15.66 22.49
O5 GLC C . 1.73 -14.94 25.97
O6 GLC C . -0.09 -17.14 25.45
C1 GLC C . 3.14 -16.38 21.76
C2 GLC C . 3.11 -15.84 20.31
C3 GLC C . 1.75 -16.09 19.69
C4 GLC C . 1.46 -17.61 19.77
C5 GLC C . 1.58 -18.10 21.21
C6 GLC C . 1.49 -19.63 21.25
O2 GLC C . 3.42 -14.44 20.29
O3 GLC C . 1.76 -15.67 18.32
O4 GLC C . 0.09 -17.88 19.34
O5 GLC C . 2.86 -17.75 21.77
O6 GLC C . 1.15 -20.09 22.58
C1 GLC D . -2.13 25.43 -20.12
C2 GLC D . -3.11 24.91 -19.06
C3 GLC D . -2.85 23.45 -18.67
C4 GLC D . -2.61 22.56 -19.89
C5 GLC D . -1.51 23.16 -20.78
C6 GLC D . -1.43 22.40 -22.08
O1 GLC D . -0.90 25.60 -19.55
O2 GLC D . -3.02 25.71 -17.86
O3 GLC D . -3.97 22.92 -17.91
O4 GLC D . -2.23 21.23 -19.51
O5 GLC D . -1.89 24.48 -21.20
O6 GLC D . -0.17 22.64 -22.76
C1 GLC D . -3.24 20.26 -19.43
C2 GLC D . -3.15 19.43 -18.16
C3 GLC D . -1.79 18.75 -18.05
C4 GLC D . -1.62 17.92 -19.31
C5 GLC D . -1.83 18.73 -20.61
C6 GLC D . -1.87 17.84 -21.83
O2 GLC D . -3.35 20.29 -17.07
O3 GLC D . -1.79 17.94 -16.87
O4 GLC D . -0.29 17.33 -19.39
O5 GLC D . -3.09 19.43 -20.57
O6 GLC D . -1.67 18.59 -23.07
N1A COA E . -27.50 -27.28 5.73
C2A COA E . -26.39 -26.53 5.94
N3A COA E . -25.22 -26.74 5.27
C4A COA E . -25.14 -27.74 4.38
C5A COA E . -26.29 -28.58 4.09
C6A COA E . -27.52 -28.30 4.85
N6A COA E . -28.61 -29.06 4.61
N7A COA E . -25.93 -29.50 3.18
C8A COA E . -24.66 -29.28 2.94
N9A COA E . -24.17 -28.23 3.64
C1B COA E . -22.80 -27.71 3.66
C2B COA E . -21.78 -28.86 3.91
O2B COA E . -20.86 -28.55 5.01
C3B COA E . -21.08 -28.98 2.61
O3B COA E . -19.71 -29.42 2.76
P3B COA E . -19.26 -30.89 3.29
O7A COA E . -17.74 -30.95 2.98
O8A COA E . -19.60 -30.83 4.77
O9A COA E . -20.13 -31.81 2.55
C4B COA E . -21.11 -27.56 2.11
O4B COA E . -22.39 -27.11 2.46
C5B COA E . -20.87 -27.46 0.61
O5B COA E . -21.04 -26.07 0.25
P1A COA E . -20.34 -25.53 -1.07
O1A COA E . -19.02 -26.27 -1.26
O2A COA E . -20.32 -24.00 -1.01
O3A COA E . -21.32 -26.11 -2.20
P2A COA E . -22.54 -25.28 -2.93
O4A COA E . -22.21 -23.85 -3.21
O5A COA E . -22.88 -26.30 -3.90
O6A COA E . -23.67 -25.29 -1.79
CBP COA E . -25.66 -26.52 -1.21
CCP COA E . -24.14 -26.46 -1.18
CDP COA E . -26.02 -27.59 -0.24
CEP COA E . -26.26 -25.19 -0.78
CAP COA E . -26.04 -26.84 -2.65
OAP COA E . -25.36 -28.02 -3.04
C9P COA E . -27.47 -27.16 -2.80
O9P COA E . -27.83 -28.29 -2.58
N8P COA E . -28.32 -26.17 -2.99
C7P COA E . -29.78 -26.46 -2.95
C6P COA E . -30.55 -25.62 -1.97
C5P COA E . -30.38 -24.15 -2.28
O5P COA E . -29.26 -23.64 -2.53
N4P COA E . -31.51 -23.44 -2.24
C3P COA E . -31.47 -21.97 -2.42
C2P COA E . -32.25 -21.24 -1.39
S1P COA E . -32.53 -19.51 -1.77
MG MG F . -20.25 -22.76 -3.71
C1 GOL G . -19.16 -44.14 1.53
O1 GOL G . -17.98 -44.80 1.97
C2 GOL G . -18.67 -42.69 1.53
O2 GOL G . -17.80 -42.52 0.39
C3 GOL G . -19.84 -41.80 1.46
O3 GOL G . -19.44 -40.50 1.10
C1 GOL H . -4.85 -18.48 2.74
O1 GOL H . -5.45 -18.13 3.98
C2 GOL H . -3.33 -18.54 2.87
O2 GOL H . -2.81 -17.58 3.79
C3 GOL H . -2.58 -18.34 1.55
O3 GOL H . -2.18 -19.68 1.26
C1 GOL I . -26.73 -31.06 14.10
O1 GOL I . -26.55 -31.07 15.51
C2 GOL I . -27.56 -32.33 13.74
O2 GOL I . -28.91 -32.21 14.23
C3 GOL I . -27.67 -32.43 12.22
O3 GOL I . -28.64 -33.41 11.82
C1 GOL J . 6.40 -3.14 38.06
O1 GOL J . 5.34 -3.94 38.73
C2 GOL J . 7.90 -3.20 38.54
O2 GOL J . 8.17 -4.09 39.67
C3 GOL J . 8.82 -3.64 37.35
O3 GOL J . 10.13 -3.04 37.14
CAC FLC K . -19.03 -36.16 -5.47
CA FLC K . -19.69 -36.29 -4.08
CB FLC K . -20.42 -35.02 -3.61
CBC FLC K . -21.53 -34.76 -4.62
CG FLC K . -20.93 -35.24 -2.16
CGC FLC K . -21.58 -34.07 -1.44
OA1 FLC K . -19.44 -35.36 -6.35
OA2 FLC K . -18.14 -36.95 -5.70
OB1 FLC K . -21.61 -33.56 -5.03
OB2 FLC K . -22.26 -35.70 -5.08
OG1 FLC K . -21.39 -32.95 -1.91
OG2 FLC K . -22.31 -34.29 -0.40
OHB FLC K . -19.46 -33.91 -3.60
N1A COA L . 27.00 -0.20 -19.05
C2A COA L . 25.91 0.49 -18.69
N3A COA L . 24.69 0.00 -18.38
C4A COA L . 24.52 -1.36 -18.58
C5A COA L . 25.62 -2.22 -18.99
C6A COA L . 26.88 -1.52 -19.27
N6A COA L . 27.93 -2.18 -19.68
N7A COA L . 25.16 -3.52 -19.09
C8A COA L . 23.84 -3.49 -18.72
N9A COA L . 23.46 -2.16 -18.45
C1B COA L . 22.15 -1.70 -18.07
C2B COA L . 21.12 -2.19 -19.12
O2B COA L . 20.22 -1.16 -19.55
C3B COA L . 20.35 -3.27 -18.37
O3B COA L . 18.96 -3.42 -18.68
P3B COA L . 18.47 -3.90 -20.15
O7A COA L . 17.01 -4.10 -19.88
O8A COA L . 18.84 -2.87 -21.16
O9A COA L . 19.26 -5.20 -20.31
C4B COA L . 20.48 -2.83 -16.90
O4B COA L . 21.77 -2.25 -16.80
C5B COA L . 20.28 -3.89 -15.85
O5B COA L . 20.40 -3.26 -14.58
P1A COA L . 19.72 -3.87 -13.29
O1A COA L . 18.40 -4.46 -13.67
O2A COA L . 19.82 -2.83 -12.26
O3A COA L . 20.66 -5.13 -13.00
P2A COA L . 21.96 -5.19 -12.03
O4A COA L . 21.63 -4.52 -10.71
O5A COA L . 22.31 -6.61 -11.94
O6A COA L . 23.10 -4.38 -12.80
CBP COA L . 25.08 -4.79 -14.11
CCP COA L . 23.56 -4.59 -14.11
CDP COA L . 25.53 -4.90 -15.55
CEP COA L . 25.79 -3.64 -13.37
CAP COA L . 25.41 -6.06 -13.34
OAP COA L . 24.61 -7.07 -13.90
C9P COA L . 26.84 -6.47 -13.55
O9P COA L . 27.09 -7.16 -14.51
N8P COA L . 27.75 -6.01 -12.71
C7P COA L . 29.17 -6.30 -12.83
C6P COA L . 30.01 -5.03 -12.77
C5P COA L . 29.82 -4.24 -11.48
O5P COA L . 28.69 -4.09 -10.96
N4P COA L . 30.97 -3.80 -11.01
C3P COA L . 31.14 -3.04 -9.78
C2P COA L . 31.69 -1.68 -10.00
S1P COA L . 32.22 -0.95 -8.41
MG MG M . 19.78 -4.16 -9.51
C1 GOL N . 4.73 4.04 -10.18
O1 GOL N . 5.47 5.20 -10.48
C2 GOL N . 3.44 4.37 -9.49
O2 GOL N . 2.64 5.40 -10.13
C3 GOL N . 2.68 3.04 -9.47
O3 GOL N . 1.81 3.28 -8.37
C1 GOL O . 41.08 5.06 -1.28
O1 GOL O . 41.38 5.99 -2.34
C2 GOL O . 41.86 3.73 -1.30
O2 GOL O . 43.24 3.68 -0.81
C3 GOL O . 40.93 2.90 -0.46
O3 GOL O . 41.14 1.50 -0.54
C1 GOL P . 33.69 14.04 -12.79
O1 GOL P . 33.19 14.58 -11.56
C2 GOL P . 35.21 13.77 -12.75
O2 GOL P . 35.71 13.07 -13.95
C3 GOL P . 35.54 13.00 -11.47
O3 GOL P . 35.09 11.64 -11.33
CAC FLC Q . 20.39 -9.66 -19.39
CA FLC Q . 19.68 -10.91 -19.85
CB FLC Q . 19.39 -12.13 -18.94
CBC FLC Q . 20.29 -12.61 -17.78
CG FLC Q . 18.14 -12.91 -19.35
CGC FLC Q . 17.67 -13.92 -18.34
OA1 FLC Q . 21.24 -9.04 -20.17
OA2 FLC Q . 19.97 -9.31 -18.30
OB1 FLC Q . 21.04 -13.59 -18.12
OB2 FLC Q . 20.25 -12.09 -16.58
OG1 FLC Q . 16.75 -14.64 -18.65
OG2 FLC Q . 18.24 -14.03 -17.24
OHB FLC Q . 18.58 -11.28 -18.06
#